data_154D
# 
_entry.id   154D 
# 
_audit_conform.dict_name       mmcif_pdbx.dic 
_audit_conform.dict_version    5.385 
_audit_conform.dict_location   http://mmcif.pdb.org/dictionaries/ascii/mmcif_pdbx.dic 
# 
loop_
_database_2.database_id 
_database_2.database_code 
_database_2.pdbx_database_accession 
_database_2.pdbx_DOI 
PDB   154D         pdb_0000154d 10.2210/pdb154d/pdb 
RCSB  DDDB46       ?            ?                   
WWPDB D_1000170124 ?            ?                   
# 
loop_
_pdbx_audit_revision_history.ordinal 
_pdbx_audit_revision_history.data_content_type 
_pdbx_audit_revision_history.major_revision 
_pdbx_audit_revision_history.minor_revision 
_pdbx_audit_revision_history.revision_date 
1 'Structure model' 1 0 1994-08-31 
2 'Structure model' 1 1 2008-05-22 
3 'Structure model' 1 2 2011-07-13 
4 'Structure model' 1 3 2024-02-07 
# 
_pdbx_audit_revision_details.ordinal             1 
_pdbx_audit_revision_details.revision_ordinal    1 
_pdbx_audit_revision_details.data_content_type   'Structure model' 
_pdbx_audit_revision_details.provider            repository 
_pdbx_audit_revision_details.type                'Initial release' 
_pdbx_audit_revision_details.description         ? 
_pdbx_audit_revision_details.details             ? 
# 
loop_
_pdbx_audit_revision_group.ordinal 
_pdbx_audit_revision_group.revision_ordinal 
_pdbx_audit_revision_group.data_content_type 
_pdbx_audit_revision_group.group 
1 2 'Structure model' 'Version format compliance' 
2 3 'Structure model' 'Version format compliance' 
3 4 'Structure model' 'Data collection'           
4 4 'Structure model' 'Database references'       
5 4 'Structure model' 'Derived calculations'      
# 
loop_
_pdbx_audit_revision_category.ordinal 
_pdbx_audit_revision_category.revision_ordinal 
_pdbx_audit_revision_category.data_content_type 
_pdbx_audit_revision_category.category 
1 4 'Structure model' chem_comp_atom 
2 4 'Structure model' chem_comp_bond 
3 4 'Structure model' database_2     
4 4 'Structure model' struct_conn    
5 4 'Structure model' struct_site    
# 
loop_
_pdbx_audit_revision_item.ordinal 
_pdbx_audit_revision_item.revision_ordinal 
_pdbx_audit_revision_item.data_content_type 
_pdbx_audit_revision_item.item 
1 4 'Structure model' '_database_2.pdbx_DOI'                
2 4 'Structure model' '_database_2.pdbx_database_accession' 
3 4 'Structure model' '_struct_conn.pdbx_leaving_atom_flag' 
4 4 'Structure model' '_struct_site.pdbx_auth_asym_id'      
5 4 'Structure model' '_struct_site.pdbx_auth_comp_id'      
6 4 'Structure model' '_struct_site.pdbx_auth_seq_id'       
# 
_pdbx_database_status.status_code                     REL 
_pdbx_database_status.entry_id                        154D 
_pdbx_database_status.recvd_initial_deposition_date   1993-12-14 
_pdbx_database_status.deposit_site                    BNL 
_pdbx_database_status.process_site                    NDB 
_pdbx_database_status.SG_entry                        . 
_pdbx_database_status.pdb_format_compatible           Y 
_pdbx_database_status.status_code_mr                  ? 
_pdbx_database_status.status_code_sf                  ? 
_pdbx_database_status.status_code_cs                  ? 
_pdbx_database_status.status_code_nmr_data            ? 
_pdbx_database_status.methods_development_category    ? 
# 
loop_
_audit_author.name 
_audit_author.pdbx_ordinal 
'Peek, M.E.'               1 
'Lipscomb, L.A.'           2 
'Bertrand, J.A.'           3 
'Gao, Q.'                  4 
'Roques, B.P.'             5 
'Garbay-Jaureguiberry, C.' 6 
'Williams, L.D.'           7 
# 
_citation.id                        primary 
_citation.title                     'DNA distortion in bis-intercalated complexes.' 
_citation.journal_abbrev            Biochemistry 
_citation.journal_volume            33 
_citation.page_first                3794 
_citation.page_last                 3800 
_citation.year                      1994 
_citation.journal_id_ASTM           BICHAW 
_citation.country                   US 
_citation.journal_id_ISSN           0006-2960 
_citation.journal_id_CSD            0033 
_citation.book_publisher            ? 
_citation.pdbx_database_id_PubMed   8142381 
_citation.pdbx_database_id_DOI      10.1021/bi00179a002 
# 
loop_
_citation_author.citation_id 
_citation_author.name 
_citation_author.ordinal 
_citation_author.identifier_ORCID 
primary 'Peek, M.E.'               1 ? 
primary 'Lipscomb, L.A.'           2 ? 
primary 'Bertrand, J.A.'           3 ? 
primary 'Gao, Q.'                  4 ? 
primary 'Roques, B.P.'             5 ? 
primary 'Garbay-Jaureguiberry, C.' 6 ? 
primary 'Williams, L.D.'           7 ? 
# 
loop_
_entity.id 
_entity.type 
_entity.src_method 
_entity.pdbx_description 
_entity.formula_weight 
_entity.pdbx_number_of_molecules 
_entity.pdbx_ec 
_entity.pdbx_mutation 
_entity.pdbx_fragment 
_entity.details 
1 polymer     syn 
;DNA (5'-D(*(CBR)P*GP*CP*G)-3')
;
1270.714 2  ? ? ? ? 
2 non-polymer syn 'BIS-(N-ETHYLPYRIDINIUM-(3-METHOXYCARBAZOLE))HEXANE-1,6-DIAMINE' 668.870  1  ? ? ? ? 
3 water       nat water                                                            18.015   27 ? ? ? ? 
# 
_entity_poly.entity_id                      1 
_entity_poly.type                           polydeoxyribonucleotide 
_entity_poly.nstd_linkage                   no 
_entity_poly.nstd_monomer                   yes 
_entity_poly.pdbx_seq_one_letter_code       '(CBR)(DG)(DC)(DG)' 
_entity_poly.pdbx_seq_one_letter_code_can   CGCG 
_entity_poly.pdbx_strand_id                 A,B 
_entity_poly.pdbx_target_identifier         ? 
# 
loop_
_pdbx_entity_nonpoly.entity_id 
_pdbx_entity_nonpoly.name 
_pdbx_entity_nonpoly.comp_id 
2 'BIS-(N-ETHYLPYRIDINIUM-(3-METHOXYCARBAZOLE))HEXANE-1,6-DIAMINE' FLD 
3 water                                                            HOH 
# 
loop_
_entity_poly_seq.entity_id 
_entity_poly_seq.num 
_entity_poly_seq.mon_id 
_entity_poly_seq.hetero 
1 1 CBR n 
1 2 DG  n 
1 3 DC  n 
1 4 DG  n 
# 
loop_
_chem_comp.id 
_chem_comp.type 
_chem_comp.mon_nstd_flag 
_chem_comp.name 
_chem_comp.pdbx_synonyms 
_chem_comp.formula 
_chem_comp.formula_weight 
CBR 'DNA linking' n "5-BROMO-2'-DEOXY-CYTIDINE-5'-MONOPHOSPHATE"                     ?        'C9 H13 Br N3 O7 P' 386.093 
DC  'DNA linking' y "2'-DEOXYCYTIDINE-5'-MONOPHOSPHATE"                              ?        'C9 H14 N3 O7 P'    307.197 
DG  'DNA linking' y "2'-DEOXYGUANOSINE-5'-MONOPHOSPHATE"                             ?        'C10 H14 N5 O7 P'   347.221 
FLD non-polymer   . 'BIS-(N-ETHYLPYRIDINIUM-(3-METHOXYCARBAZOLE))HEXANE-1,6-DIAMINE' FLEXI-DI 'C42 H48 N6 O2 4'   668.870 
HOH non-polymer   . WATER                                                            ?        'H2 O'              18.015  
# 
loop_
_pdbx_poly_seq_scheme.asym_id 
_pdbx_poly_seq_scheme.entity_id 
_pdbx_poly_seq_scheme.seq_id 
_pdbx_poly_seq_scheme.mon_id 
_pdbx_poly_seq_scheme.ndb_seq_num 
_pdbx_poly_seq_scheme.pdb_seq_num 
_pdbx_poly_seq_scheme.auth_seq_num 
_pdbx_poly_seq_scheme.pdb_mon_id 
_pdbx_poly_seq_scheme.auth_mon_id 
_pdbx_poly_seq_scheme.pdb_strand_id 
_pdbx_poly_seq_scheme.pdb_ins_code 
_pdbx_poly_seq_scheme.hetero 
A 1 1 CBR 1 1 1 CBR C A . n 
A 1 2 DG  2 2 2 DG  G A . n 
A 1 3 DC  3 3 3 DC  C A . n 
A 1 4 DG  4 4 4 DG  G A . n 
B 1 1 CBR 1 5 5 CBR C B . n 
B 1 2 DG  2 6 6 DG  G B . n 
B 1 3 DC  3 7 7 DC  C B . n 
B 1 4 DG  4 8 8 DG  G B . n 
# 
loop_
_pdbx_nonpoly_scheme.asym_id 
_pdbx_nonpoly_scheme.entity_id 
_pdbx_nonpoly_scheme.mon_id 
_pdbx_nonpoly_scheme.ndb_seq_num 
_pdbx_nonpoly_scheme.pdb_seq_num 
_pdbx_nonpoly_scheme.auth_seq_num 
_pdbx_nonpoly_scheme.pdb_mon_id 
_pdbx_nonpoly_scheme.auth_mon_id 
_pdbx_nonpoly_scheme.pdb_strand_id 
_pdbx_nonpoly_scheme.pdb_ins_code 
C 2 FLD 1  9  9  FLD FLD B . 
D 3 HOH 1  12 12 HOH HOH A . 
D 3 HOH 2  17 17 HOH HOH A . 
D 3 HOH 3  18 18 HOH HOH A . 
D 3 HOH 4  20 20 HOH HOH A . 
D 3 HOH 5  24 24 HOH HOH A . 
D 3 HOH 6  26 26 HOH HOH A . 
D 3 HOH 7  27 27 HOH HOH A . 
D 3 HOH 8  28 28 HOH HOH A . 
D 3 HOH 9  32 32 HOH HOH A . 
D 3 HOH 10 34 34 HOH HOH A . 
E 3 HOH 1  10 10 HOH HOH B . 
E 3 HOH 2  11 11 HOH HOH B . 
E 3 HOH 3  13 13 HOH HOH B . 
E 3 HOH 4  14 14 HOH HOH B . 
E 3 HOH 5  15 15 HOH HOH B . 
E 3 HOH 6  16 16 HOH HOH B . 
E 3 HOH 7  19 19 HOH HOH B . 
E 3 HOH 8  21 21 HOH HOH B . 
E 3 HOH 9  22 22 HOH HOH B . 
E 3 HOH 10 23 23 HOH HOH B . 
E 3 HOH 11 25 25 HOH HOH B . 
E 3 HOH 12 29 29 HOH HOH B . 
E 3 HOH 13 30 30 HOH HOH B . 
E 3 HOH 14 31 31 HOH HOH B . 
E 3 HOH 15 33 33 HOH HOH B . 
E 3 HOH 16 35 35 HOH HOH B . 
E 3 HOH 17 36 36 HOH HOH B . 
# 
loop_
_software.name 
_software.classification 
_software.version 
_software.citation_id 
_software.pdbx_ordinal 
PROLSQ   refinement '(MODIFIED BY G.J.QUIGLEY)' ? 1 
MODIFIED refinement 'BY G.J.QUIGLEY'            ? 2 
# 
_cell.entry_id           154D 
_cell.length_a           27.090 
_cell.length_b           27.090 
_cell.length_c           81.890 
_cell.angle_alpha        90.00 
_cell.angle_beta         90.00 
_cell.angle_gamma        90.00 
_cell.Z_PDB              16 
_cell.pdbx_unique_axis   ? 
# 
_symmetry.entry_id                         154D 
_symmetry.space_group_name_H-M             'P 41 21 2' 
_symmetry.pdbx_full_space_group_name_H-M   ? 
_symmetry.cell_setting                     ? 
_symmetry.Int_Tables_number                92 
# 
_exptl.entry_id          154D 
_exptl.method            'X-RAY DIFFRACTION' 
_exptl.crystals_number   ? 
# 
_exptl_crystal.id                    1 
_exptl_crystal.density_meas          ? 
_exptl_crystal.density_Matthews      2.96 
_exptl_crystal.density_percent_sol   58.39 
_exptl_crystal.description           ? 
# 
_exptl_crystal_grow.crystal_id      1 
_exptl_crystal_grow.method          'VAPOR DIFFUSION, SITTING DROP' 
_exptl_crystal_grow.temp            ? 
_exptl_crystal_grow.temp_details    'ROOM TEMPERATURE' 
_exptl_crystal_grow.pH              7.00 
_exptl_crystal_grow.pdbx_details    'pH 7.00, VAPOR DIFFUSION, SITTING DROP' 
_exptl_crystal_grow.pdbx_pH_range   ? 
# 
loop_
_exptl_crystal_grow_comp.crystal_id 
_exptl_crystal_grow_comp.id 
_exptl_crystal_grow_comp.sol_id 
_exptl_crystal_grow_comp.name 
_exptl_crystal_grow_comp.volume 
_exptl_crystal_grow_comp.conc 
_exptl_crystal_grow_comp.details 
1 1 1 WATER           ? ? ? 
1 2 1 MPD             ? ? ? 
1 3 1 'NA CACODYLATE' ? ? ? 
1 4 1 MGCL2           ? ? ? 
1 5 2 WATER           ? ? ? 
1 6 2 MPD             ? ? ? 
# 
_diffrn.id                     1 
_diffrn.ambient_temp           293.00 
_diffrn.ambient_temp_details   ? 
_diffrn.crystal_id             1 
# 
_diffrn_detector.diffrn_id              1 
_diffrn_detector.detector               'AREA DETECTOR' 
_diffrn_detector.type                   SDMS 
_diffrn_detector.pdbx_collection_date   ? 
_diffrn_detector.details                ? 
# 
_diffrn_radiation.diffrn_id                        1 
_diffrn_radiation.wavelength_id                    1 
_diffrn_radiation.pdbx_monochromatic_or_laue_m_l   ? 
_diffrn_radiation.monochromator                    ? 
_diffrn_radiation.pdbx_diffrn_protocol             ? 
_diffrn_radiation.pdbx_scattering_type             x-ray 
# 
_diffrn_radiation_wavelength.id           1 
_diffrn_radiation_wavelength.wavelength   . 
_diffrn_radiation_wavelength.wt           1.0 
# 
_diffrn_source.diffrn_id                   1 
_diffrn_source.source                      'ROTATING ANODE' 
_diffrn_source.type                        'RIGAKU RU200' 
_diffrn_source.pdbx_synchrotron_site       ? 
_diffrn_source.pdbx_synchrotron_beamline   ? 
_diffrn_source.pdbx_wavelength             ? 
_diffrn_source.pdbx_wavelength_list        ? 
# 
_reflns.entry_id                     154D 
_reflns.observed_criterion_sigma_I   ? 
_reflns.observed_criterion_sigma_F   2.000 
_reflns.d_resolution_low             ? 
_reflns.d_resolution_high            2.500 
_reflns.number_obs                   1183 
_reflns.number_all                   2139 
_reflns.percent_possible_obs         ? 
_reflns.pdbx_Rmerge_I_obs            ? 
_reflns.pdbx_Rsym_value              ? 
_reflns.pdbx_netI_over_sigmaI        ? 
_reflns.B_iso_Wilson_estimate        ? 
_reflns.pdbx_redundancy              ? 
_reflns.pdbx_diffrn_id               1 
_reflns.pdbx_ordinal                 1 
# 
_refine.entry_id                                 154D 
_refine.ls_number_reflns_obs                     1183 
_refine.ls_number_reflns_all                     ? 
_refine.pdbx_ls_sigma_I                          ? 
_refine.pdbx_ls_sigma_F                          2.000 
_refine.pdbx_data_cutoff_high_absF               ? 
_refine.pdbx_data_cutoff_low_absF                ? 
_refine.pdbx_data_cutoff_high_rms_absF           ? 
_refine.ls_d_res_low                             7.100 
_refine.ls_d_res_high                            2.500 
_refine.ls_percent_reflns_obs                    99.700 
_refine.ls_R_factor_obs                          0.239 
_refine.ls_R_factor_all                          ? 
_refine.ls_R_factor_R_work                       ? 
_refine.ls_R_factor_R_free                       ? 
_refine.ls_R_factor_R_free_error                 ? 
_refine.ls_R_factor_R_free_error_details         ? 
_refine.ls_percent_reflns_R_free                 ? 
_refine.ls_number_reflns_R_free                  ? 
_refine.ls_number_parameters                     ? 
_refine.ls_number_restraints                     ? 
_refine.occupancy_min                            ? 
_refine.occupancy_max                            ? 
_refine.B_iso_mean                               ? 
_refine.aniso_B[1][1]                            ? 
_refine.aniso_B[2][2]                            ? 
_refine.aniso_B[3][3]                            ? 
_refine.aniso_B[1][2]                            ? 
_refine.aniso_B[1][3]                            ? 
_refine.aniso_B[2][3]                            ? 
_refine.solvent_model_details                    ? 
_refine.solvent_model_param_ksol                 ? 
_refine.solvent_model_param_bsol                 ? 
_refine.pdbx_ls_cross_valid_method               ? 
_refine.details                                  ? 
_refine.pdbx_starting_model                      ? 
_refine.pdbx_method_to_determine_struct          ? 
_refine.pdbx_isotropic_thermal_model             ? 
_refine.pdbx_stereochemistry_target_values       ? 
_refine.pdbx_stereochem_target_val_spec_case     ? 
_refine.pdbx_R_Free_selection_details            ? 
_refine.pdbx_overall_ESU_R                       ? 
_refine.pdbx_overall_ESU_R_Free                  ? 
_refine.overall_SU_ML                            ? 
_refine.overall_SU_B                             ? 
_refine.pdbx_refine_id                           'X-RAY DIFFRACTION' 
_refine.pdbx_diffrn_id                           1 
_refine.pdbx_TLS_residual_ADP_flag               ? 
_refine.correlation_coeff_Fo_to_Fc               ? 
_refine.correlation_coeff_Fo_to_Fc_free          ? 
_refine.pdbx_solvent_vdw_probe_radii             ? 
_refine.pdbx_solvent_ion_probe_radii             ? 
_refine.pdbx_solvent_shrinkage_radii             ? 
_refine.pdbx_overall_phase_error                 ? 
_refine.overall_SU_R_Cruickshank_DPI             ? 
_refine.pdbx_overall_SU_R_free_Cruickshank_DPI   ? 
_refine.pdbx_overall_SU_R_Blow_DPI               ? 
_refine.pdbx_overall_SU_R_free_Blow_DPI          ? 
# 
_refine_hist.pdbx_refine_id                   'X-RAY DIFFRACTION' 
_refine_hist.cycle_id                         LAST 
_refine_hist.pdbx_number_atoms_protein        0 
_refine_hist.pdbx_number_atoms_nucleic_acid   158 
_refine_hist.pdbx_number_atoms_ligand         52 
_refine_hist.number_atoms_solvent             27 
_refine_hist.number_atoms_total               237 
_refine_hist.d_res_high                       2.500 
_refine_hist.d_res_low                        7.100 
# 
loop_
_refine_ls_restr.type 
_refine_ls_restr.dev_ideal 
_refine_ls_restr.dev_ideal_target 
_refine_ls_restr.weight 
_refine_ls_restr.number 
_refine_ls_restr.pdbx_refine_id 
_refine_ls_restr.pdbx_restraint_function 
p_bond_d            0.021 ? ? ? 'X-RAY DIFFRACTION' ? 
p_angle_d           ?     ? ? ? 'X-RAY DIFFRACTION' ? 
p_angle_deg         ?     ? ? ? 'X-RAY DIFFRACTION' ? 
p_planar_d          ?     ? ? ? 'X-RAY DIFFRACTION' ? 
p_hb_or_metal_coord ?     ? ? ? 'X-RAY DIFFRACTION' ? 
p_mcbond_it         ?     ? ? ? 'X-RAY DIFFRACTION' ? 
p_mcangle_it        ?     ? ? ? 'X-RAY DIFFRACTION' ? 
p_scbond_it         ?     ? ? ? 'X-RAY DIFFRACTION' ? 
p_scangle_it        ?     ? ? ? 'X-RAY DIFFRACTION' ? 
p_plane_restr       ?     ? ? ? 'X-RAY DIFFRACTION' ? 
p_chiral_restr      ?     ? ? ? 'X-RAY DIFFRACTION' ? 
p_singtor_nbd       ?     ? ? ? 'X-RAY DIFFRACTION' ? 
p_multtor_nbd       ?     ? ? ? 'X-RAY DIFFRACTION' ? 
p_xhyhbond_nbd      ?     ? ? ? 'X-RAY DIFFRACTION' ? 
p_xyhbond_nbd       ?     ? ? ? 'X-RAY DIFFRACTION' ? 
p_planar_tor        ?     ? ? ? 'X-RAY DIFFRACTION' ? 
p_staggered_tor     ?     ? ? ? 'X-RAY DIFFRACTION' ? 
p_orthonormal_tor   ?     ? ? ? 'X-RAY DIFFRACTION' ? 
p_transverse_tor    ?     ? ? ? 'X-RAY DIFFRACTION' ? 
p_special_tor       ?     ? ? ? 'X-RAY DIFFRACTION' ? 
# 
_struct.entry_id                  154D 
_struct.title                     'DNA DISTORTION IN BIS-INTERCALATED COMPLEXES' 
_struct.pdbx_model_details        ? 
_struct.pdbx_CASP_flag            ? 
_struct.pdbx_model_type_details   ? 
# 
_struct_keywords.entry_id        154D 
_struct_keywords.pdbx_keywords   DNA 
_struct_keywords.text            'RIGHT HANDED DNA, DOUBLE HELIX, COMPLEXED WITH DRUG, MODIFIED, DNA' 
# 
loop_
_struct_asym.id 
_struct_asym.pdbx_blank_PDB_chainid_flag 
_struct_asym.pdbx_modified 
_struct_asym.entity_id 
_struct_asym.details 
A N N 1 ? 
B N N 1 ? 
C N N 2 ? 
D N N 3 ? 
E N N 3 ? 
# 
_struct_ref.id                         1 
_struct_ref.entity_id                  1 
_struct_ref.db_name                    PDB 
_struct_ref.db_code                    154D 
_struct_ref.pdbx_db_accession          154D 
_struct_ref.pdbx_db_isoform            ? 
_struct_ref.pdbx_seq_one_letter_code   ? 
_struct_ref.pdbx_align_begin           ? 
# 
loop_
_struct_ref_seq.align_id 
_struct_ref_seq.ref_id 
_struct_ref_seq.pdbx_PDB_id_code 
_struct_ref_seq.pdbx_strand_id 
_struct_ref_seq.seq_align_beg 
_struct_ref_seq.pdbx_seq_align_beg_ins_code 
_struct_ref_seq.seq_align_end 
_struct_ref_seq.pdbx_seq_align_end_ins_code 
_struct_ref_seq.pdbx_db_accession 
_struct_ref_seq.db_align_beg 
_struct_ref_seq.pdbx_db_align_beg_ins_code 
_struct_ref_seq.db_align_end 
_struct_ref_seq.pdbx_db_align_end_ins_code 
_struct_ref_seq.pdbx_auth_seq_align_beg 
_struct_ref_seq.pdbx_auth_seq_align_end 
1 1 154D A 1 ? 4 ? 154D 1 ? 4 ? 1 4 
2 1 154D B 1 ? 4 ? 154D 5 ? 8 ? 5 8 
# 
_pdbx_struct_assembly.id                   1 
_pdbx_struct_assembly.details              author_defined_assembly 
_pdbx_struct_assembly.method_details       ? 
_pdbx_struct_assembly.oligomeric_details   dimeric 
_pdbx_struct_assembly.oligomeric_count     2 
# 
_pdbx_struct_assembly_gen.assembly_id       1 
_pdbx_struct_assembly_gen.oper_expression   1 
_pdbx_struct_assembly_gen.asym_id_list      A,B,C,D,E 
# 
_pdbx_struct_oper_list.id                   1 
_pdbx_struct_oper_list.type                 'identity operation' 
_pdbx_struct_oper_list.name                 1_555 
_pdbx_struct_oper_list.symmetry_operation   x,y,z 
_pdbx_struct_oper_list.matrix[1][1]         1.0000000000 
_pdbx_struct_oper_list.matrix[1][2]         0.0000000000 
_pdbx_struct_oper_list.matrix[1][3]         0.0000000000 
_pdbx_struct_oper_list.vector[1]            0.0000000000 
_pdbx_struct_oper_list.matrix[2][1]         0.0000000000 
_pdbx_struct_oper_list.matrix[2][2]         1.0000000000 
_pdbx_struct_oper_list.matrix[2][3]         0.0000000000 
_pdbx_struct_oper_list.vector[2]            0.0000000000 
_pdbx_struct_oper_list.matrix[3][1]         0.0000000000 
_pdbx_struct_oper_list.matrix[3][2]         0.0000000000 
_pdbx_struct_oper_list.matrix[3][3]         1.0000000000 
_pdbx_struct_oper_list.vector[3]            0.0000000000 
# 
_struct_biol.id   1 
# 
loop_
_struct_conn.id 
_struct_conn.conn_type_id 
_struct_conn.pdbx_leaving_atom_flag 
_struct_conn.pdbx_PDB_id 
_struct_conn.ptnr1_label_asym_id 
_struct_conn.ptnr1_label_comp_id 
_struct_conn.ptnr1_label_seq_id 
_struct_conn.ptnr1_label_atom_id 
_struct_conn.pdbx_ptnr1_label_alt_id 
_struct_conn.pdbx_ptnr1_PDB_ins_code 
_struct_conn.pdbx_ptnr1_standard_comp_id 
_struct_conn.ptnr1_symmetry 
_struct_conn.ptnr2_label_asym_id 
_struct_conn.ptnr2_label_comp_id 
_struct_conn.ptnr2_label_seq_id 
_struct_conn.ptnr2_label_atom_id 
_struct_conn.pdbx_ptnr2_label_alt_id 
_struct_conn.pdbx_ptnr2_PDB_ins_code 
_struct_conn.ptnr1_auth_asym_id 
_struct_conn.ptnr1_auth_comp_id 
_struct_conn.ptnr1_auth_seq_id 
_struct_conn.ptnr2_auth_asym_id 
_struct_conn.ptnr2_auth_comp_id 
_struct_conn.ptnr2_auth_seq_id 
_struct_conn.ptnr2_symmetry 
_struct_conn.pdbx_ptnr3_label_atom_id 
_struct_conn.pdbx_ptnr3_label_seq_id 
_struct_conn.pdbx_ptnr3_label_comp_id 
_struct_conn.pdbx_ptnr3_label_asym_id 
_struct_conn.pdbx_ptnr3_label_alt_id 
_struct_conn.pdbx_ptnr3_PDB_ins_code 
_struct_conn.details 
_struct_conn.pdbx_dist_value 
_struct_conn.pdbx_value_order 
_struct_conn.pdbx_role 
covale1  covale both ? A CBR 1 "O3'" ? ? ? 1_555 A DG  2 P  ? ? A CBR 1 A DG  2 1_555 ? ? ? ? ? ? ?            1.606 ? ? 
covale2  covale both ? B CBR 1 "O3'" ? ? ? 1_555 B DG  2 P  ? ? B CBR 5 B DG  6 1_555 ? ? ? ? ? ? ?            1.597 ? ? 
hydrog1  hydrog ?    ? A CBR 1 N3    ? ? ? 1_555 B DG  4 N1 ? ? A CBR 1 B DG  8 1_555 ? ? ? ? ? ? WATSON-CRICK ?     ? ? 
hydrog2  hydrog ?    ? A CBR 1 N4    ? ? ? 1_555 B DG  4 O6 ? ? A CBR 1 B DG  8 1_555 ? ? ? ? ? ? WATSON-CRICK ?     ? ? 
hydrog3  hydrog ?    ? A CBR 1 O2    ? ? ? 1_555 B DG  4 N2 ? ? A CBR 1 B DG  8 1_555 ? ? ? ? ? ? WATSON-CRICK ?     ? ? 
hydrog4  hydrog ?    ? A DG  2 N1    ? ? ? 1_555 B DC  3 N3 ? ? A DG  2 B DC  7 1_555 ? ? ? ? ? ? WATSON-CRICK ?     ? ? 
hydrog5  hydrog ?    ? A DG  2 N2    ? ? ? 1_555 B DC  3 O2 ? ? A DG  2 B DC  7 1_555 ? ? ? ? ? ? WATSON-CRICK ?     ? ? 
hydrog6  hydrog ?    ? A DG  2 O6    ? ? ? 1_555 B DC  3 N4 ? ? A DG  2 B DC  7 1_555 ? ? ? ? ? ? WATSON-CRICK ?     ? ? 
hydrog7  hydrog ?    ? A DC  3 N3    ? ? ? 1_555 B DG  2 N1 ? ? A DC  3 B DG  6 1_555 ? ? ? ? ? ? WATSON-CRICK ?     ? ? 
hydrog8  hydrog ?    ? A DC  3 N4    ? ? ? 1_555 B DG  2 O6 ? ? A DC  3 B DG  6 1_555 ? ? ? ? ? ? WATSON-CRICK ?     ? ? 
hydrog9  hydrog ?    ? A DC  3 O2    ? ? ? 1_555 B DG  2 N2 ? ? A DC  3 B DG  6 1_555 ? ? ? ? ? ? WATSON-CRICK ?     ? ? 
hydrog10 hydrog ?    ? A DG  4 N1    ? ? ? 1_555 B CBR 1 N3 ? ? A DG  4 B CBR 5 1_555 ? ? ? ? ? ? WATSON-CRICK ?     ? ? 
hydrog11 hydrog ?    ? A DG  4 N2    ? ? ? 1_555 B CBR 1 O2 ? ? A DG  4 B CBR 5 1_555 ? ? ? ? ? ? WATSON-CRICK ?     ? ? 
hydrog12 hydrog ?    ? A DG  4 O6    ? ? ? 1_555 B CBR 1 N4 ? ? A DG  4 B CBR 5 1_555 ? ? ? ? ? ? WATSON-CRICK ?     ? ? 
# 
loop_
_struct_conn_type.id 
_struct_conn_type.criteria 
_struct_conn_type.reference 
covale ? ? 
hydrog ? ? 
# 
loop_
_struct_site.id 
_struct_site.pdbx_evidence_code 
_struct_site.pdbx_auth_asym_id 
_struct_site.pdbx_auth_comp_id 
_struct_site.pdbx_auth_seq_id 
_struct_site.pdbx_auth_ins_code 
_struct_site.pdbx_num_residues 
_struct_site.details 
AC1 Software B FLD 9 ? 11 'BINDING SITE FOR RESIDUE FLD B 9' 
1   ?        ? ?   ? ? ?  ?                                  
# 
loop_
_struct_site_gen.id 
_struct_site_gen.site_id 
_struct_site_gen.pdbx_num_res 
_struct_site_gen.label_comp_id 
_struct_site_gen.label_asym_id 
_struct_site_gen.label_seq_id 
_struct_site_gen.pdbx_auth_ins_code 
_struct_site_gen.auth_comp_id 
_struct_site_gen.auth_asym_id 
_struct_site_gen.auth_seq_id 
_struct_site_gen.label_atom_id 
_struct_site_gen.label_alt_id 
_struct_site_gen.symmetry 
_struct_site_gen.details 
1  AC1 11 CBR A 1 ? CBR A 1  . ? 1_555 ? 
2  AC1 11 DG  A 2 ? DG  A 2  . ? 1_555 ? 
3  AC1 11 DC  A 3 ? DC  A 3  . ? 1_555 ? 
4  AC1 11 DG  A 4 ? DG  A 4  . ? 1_555 ? 
5  AC1 11 CBR B 1 ? CBR B 5  . ? 1_555 ? 
6  AC1 11 DG  B 2 ? DG  B 6  . ? 1_555 ? 
7  AC1 11 DC  B 3 ? DC  B 7  . ? 6_455 ? 
8  AC1 11 DC  B 3 ? DC  B 7  . ? 1_555 ? 
9  AC1 11 DG  B 4 ? DG  B 8  . ? 1_555 ? 
10 AC1 11 HOH E . ? HOH B 11 . ? 1_555 ? 
11 AC1 11 HOH E . ? HOH B 33 . ? 1_555 ? 
# 
loop_
_pdbx_validate_rmsd_bond.id 
_pdbx_validate_rmsd_bond.PDB_model_num 
_pdbx_validate_rmsd_bond.auth_atom_id_1 
_pdbx_validate_rmsd_bond.auth_asym_id_1 
_pdbx_validate_rmsd_bond.auth_comp_id_1 
_pdbx_validate_rmsd_bond.auth_seq_id_1 
_pdbx_validate_rmsd_bond.PDB_ins_code_1 
_pdbx_validate_rmsd_bond.label_alt_id_1 
_pdbx_validate_rmsd_bond.auth_atom_id_2 
_pdbx_validate_rmsd_bond.auth_asym_id_2 
_pdbx_validate_rmsd_bond.auth_comp_id_2 
_pdbx_validate_rmsd_bond.auth_seq_id_2 
_pdbx_validate_rmsd_bond.PDB_ins_code_2 
_pdbx_validate_rmsd_bond.label_alt_id_2 
_pdbx_validate_rmsd_bond.bond_value 
_pdbx_validate_rmsd_bond.bond_target_value 
_pdbx_validate_rmsd_bond.bond_deviation 
_pdbx_validate_rmsd_bond.bond_standard_deviation 
_pdbx_validate_rmsd_bond.linker_flag 
1  1 P     A DG 2 ? ? "O5'" A DG 2 ? ? 1.675 1.593 0.082  0.010 N 
2  1 "O3'" A DG 2 ? ? "C3'" A DG 2 ? ? 1.365 1.419 -0.054 0.006 N 
3  1 C6    A DG 2 ? ? N1    A DG 2 ? ? 1.327 1.391 -0.064 0.007 N 
4  1 N7    A DG 2 ? ? C8    A DG 2 ? ? 1.347 1.305 0.042  0.006 N 
5  1 C8    A DG 2 ? ? N9    A DG 2 ? ? 1.327 1.374 -0.047 0.007 N 
6  1 C2    A DG 2 ? ? N2    A DG 2 ? ? 1.228 1.341 -0.113 0.010 N 
7  1 P     A DC 3 ? ? "O5'" A DC 3 ? ? 1.670 1.593 0.077  0.010 N 
8  1 "O5'" A DC 3 ? ? "C5'" A DC 3 ? ? 1.543 1.440 0.103  0.016 N 
9  1 "C4'" A DC 3 ? ? "C3'" A DC 3 ? ? 1.607 1.529 0.078  0.010 N 
10 1 "C2'" A DC 3 ? ? "C1'" A DC 3 ? ? 1.590 1.519 0.071  0.010 N 
11 1 "O3'" A DC 3 ? ? "C3'" A DC 3 ? ? 1.365 1.419 -0.054 0.006 N 
12 1 N3    A DC 3 ? ? C4    A DC 3 ? ? 1.384 1.335 0.049  0.007 N 
13 1 "C4'" A DG 4 ? ? "C3'" A DG 4 ? ? 1.610 1.529 0.081  0.010 N 
14 1 "C2'" A DG 4 ? ? "C1'" A DG 4 ? ? 1.589 1.519 0.070  0.010 N 
15 1 "O3'" A DG 4 ? ? "C3'" A DG 4 ? ? 1.376 1.419 -0.043 0.006 N 
16 1 C6    A DG 4 ? ? N1    A DG 4 ? ? 1.334 1.391 -0.057 0.007 N 
17 1 N7    A DG 4 ? ? C8    A DG 4 ? ? 1.342 1.305 0.037  0.006 N 
18 1 C2    A DG 4 ? ? N2    A DG 4 ? ? 1.247 1.341 -0.094 0.010 N 
19 1 "C2'" B DG 6 ? ? "C1'" B DG 6 ? ? 1.605 1.519 0.086  0.010 N 
20 1 C6    B DG 6 ? ? N1    B DG 6 ? ? 1.332 1.391 -0.059 0.007 N 
21 1 C2    B DG 6 ? ? N2    B DG 6 ? ? 1.225 1.341 -0.116 0.010 N 
22 1 "C4'" B DC 7 ? ? "C3'" B DC 7 ? ? 1.595 1.529 0.066  0.010 N 
23 1 "O4'" B DC 7 ? ? "C1'" B DC 7 ? ? 1.488 1.420 0.068  0.011 N 
24 1 "O3'" B DC 7 ? ? "C3'" B DC 7 ? ? 1.378 1.419 -0.041 0.006 N 
25 1 "C4'" B DG 8 ? ? "C3'" B DG 8 ? ? 1.597 1.529 0.068  0.010 N 
26 1 C6    B DG 8 ? ? N1    B DG 8 ? ? 1.328 1.391 -0.063 0.007 N 
27 1 N7    B DG 8 ? ? C8    B DG 8 ? ? 1.349 1.305 0.044  0.006 N 
28 1 C8    B DG 8 ? ? N9    B DG 8 ? ? 1.312 1.374 -0.062 0.007 N 
29 1 C2    B DG 8 ? ? N2    B DG 8 ? ? 1.244 1.341 -0.097 0.010 N 
# 
loop_
_pdbx_validate_rmsd_angle.id 
_pdbx_validate_rmsd_angle.PDB_model_num 
_pdbx_validate_rmsd_angle.auth_atom_id_1 
_pdbx_validate_rmsd_angle.auth_asym_id_1 
_pdbx_validate_rmsd_angle.auth_comp_id_1 
_pdbx_validate_rmsd_angle.auth_seq_id_1 
_pdbx_validate_rmsd_angle.PDB_ins_code_1 
_pdbx_validate_rmsd_angle.label_alt_id_1 
_pdbx_validate_rmsd_angle.auth_atom_id_2 
_pdbx_validate_rmsd_angle.auth_asym_id_2 
_pdbx_validate_rmsd_angle.auth_comp_id_2 
_pdbx_validate_rmsd_angle.auth_seq_id_2 
_pdbx_validate_rmsd_angle.PDB_ins_code_2 
_pdbx_validate_rmsd_angle.label_alt_id_2 
_pdbx_validate_rmsd_angle.auth_atom_id_3 
_pdbx_validate_rmsd_angle.auth_asym_id_3 
_pdbx_validate_rmsd_angle.auth_comp_id_3 
_pdbx_validate_rmsd_angle.auth_seq_id_3 
_pdbx_validate_rmsd_angle.PDB_ins_code_3 
_pdbx_validate_rmsd_angle.label_alt_id_3 
_pdbx_validate_rmsd_angle.angle_value 
_pdbx_validate_rmsd_angle.angle_target_value 
_pdbx_validate_rmsd_angle.angle_deviation 
_pdbx_validate_rmsd_angle.angle_standard_deviation 
_pdbx_validate_rmsd_angle.linker_flag 
1  1 "O5'" A DG 2 ? ? P     A DG 2 ? ? OP2   A DG 2 ? ? 98.75  105.70 -6.95  0.90 N 
2  1 P     A DG 2 ? ? "O5'" A DG 2 ? ? "C5'" A DG 2 ? ? 106.28 120.90 -14.62 1.60 N 
3  1 "O4'" A DG 2 ? ? "C1'" A DG 2 ? ? N9    A DG 2 ? ? 112.64 108.30 4.34   0.30 N 
4  1 C6    A DG 2 ? ? N1    A DG 2 ? ? C2    A DG 2 ? ? 120.18 125.10 -4.92  0.60 N 
5  1 N1    A DG 2 ? ? C2    A DG 2 ? ? N3    A DG 2 ? ? 129.02 123.90 5.12   0.60 N 
6  1 C2    A DG 2 ? ? N3    A DG 2 ? ? C4    A DG 2 ? ? 108.82 111.90 -3.08  0.50 N 
7  1 C5    A DG 2 ? ? C6    A DG 2 ? ? N1    A DG 2 ? ? 116.30 111.50 4.80   0.50 N 
8  1 N1    A DG 2 ? ? C2    A DG 2 ? ? N2    A DG 2 ? ? 121.84 116.20 5.64   0.90 N 
9  1 N3    A DG 2 ? ? C2    A DG 2 ? ? N2    A DG 2 ? ? 109.13 119.90 -10.77 0.70 N 
10 1 C5    A DG 2 ? ? C6    A DG 2 ? ? O6    A DG 2 ? ? 123.57 128.60 -5.03  0.60 N 
11 1 "C3'" A DG 2 ? ? "O3'" A DG 2 ? ? P     A DC 3 ? ? 133.80 119.70 14.10  1.20 Y 
12 1 "O5'" A DC 3 ? ? P     A DC 3 ? ? OP1   A DC 3 ? ? 97.10  105.70 -8.60  0.90 N 
13 1 "O5'" A DC 3 ? ? "C5'" A DC 3 ? ? "C4'" A DC 3 ? ? 98.40  109.40 -11.00 0.80 N 
14 1 P     A DC 3 ? ? "O5'" A DC 3 ? ? "C5'" A DC 3 ? ? 99.71  120.90 -21.19 1.60 N 
15 1 "O4'" A DC 3 ? ? "C4'" A DC 3 ? ? "C3'" A DC 3 ? ? 95.82  104.50 -8.68  0.40 N 
16 1 "C1'" A DC 3 ? ? "O4'" A DC 3 ? ? "C4'" A DC 3 ? ? 94.38  110.10 -15.72 1.00 N 
17 1 "O4'" A DC 3 ? ? "C1'" A DC 3 ? ? "C2'" A DC 3 ? ? 101.03 105.90 -4.87  0.80 N 
18 1 C2    A DC 3 ? ? N3    A DC 3 ? ? C4    A DC 3 ? ? 124.59 119.90 4.69   0.50 N 
19 1 N3    A DC 3 ? ? C4    A DC 3 ? ? C5    A DC 3 ? ? 116.94 121.90 -4.96  0.40 N 
20 1 N1    A DC 3 ? ? C2    A DC 3 ? ? O2    A DC 3 ? ? 123.24 118.90 4.34   0.60 N 
21 1 "C3'" A DC 3 ? ? "O3'" A DC 3 ? ? P     A DG 4 ? ? 128.27 119.70 8.57   1.20 Y 
22 1 "O5'" A DG 4 ? ? "C5'" A DG 4 ? ? "C4'" A DG 4 ? ? 103.41 109.40 -5.99  0.80 N 
23 1 "O4'" A DG 4 ? ? "C4'" A DG 4 ? ? "C3'" A DG 4 ? ? 98.12  104.50 -6.38  0.40 N 
24 1 "C5'" A DG 4 ? ? "C4'" A DG 4 ? ? "O4'" A DG 4 ? ? 117.11 109.80 7.31   1.10 N 
25 1 "C4'" A DG 4 ? ? "C3'" A DG 4 ? ? "C2'" A DG 4 ? ? 95.82  102.20 -6.38  0.70 N 
26 1 "O4'" A DG 4 ? ? "C1'" A DG 4 ? ? N9    A DG 4 ? ? 113.78 108.30 5.48   0.30 N 
27 1 C6    A DG 4 ? ? N1    A DG 4 ? ? C2    A DG 4 ? ? 118.03 125.10 -7.07  0.60 N 
28 1 N1    A DG 4 ? ? C2    A DG 4 ? ? N3    A DG 4 ? ? 130.71 123.90 6.81   0.60 N 
29 1 C2    A DG 4 ? ? N3    A DG 4 ? ? C4    A DG 4 ? ? 108.69 111.90 -3.21  0.50 N 
30 1 C5    A DG 4 ? ? C6    A DG 4 ? ? N1    A DG 4 ? ? 117.29 111.50 5.79   0.50 N 
31 1 N3    A DG 4 ? ? C2    A DG 4 ? ? N2    A DG 4 ? ? 109.06 119.90 -10.84 0.70 N 
32 1 C5    A DG 4 ? ? C6    A DG 4 ? ? O6    A DG 4 ? ? 124.81 128.60 -3.79  0.60 N 
33 1 P     B DG 6 ? ? "O5'" B DG 6 ? ? "C5'" B DG 6 ? ? 110.61 120.90 -10.29 1.60 N 
34 1 "O4'" B DG 6 ? ? "C1'" B DG 6 ? ? "C2'" B DG 6 ? ? 99.95  105.90 -5.95  0.80 N 
35 1 "O4'" B DG 6 ? ? "C1'" B DG 6 ? ? N9    B DG 6 ? ? 112.65 108.30 4.35   0.30 N 
36 1 C6    B DG 6 ? ? N1    B DG 6 ? ? C2    B DG 6 ? ? 118.49 125.10 -6.61  0.60 N 
37 1 N1    B DG 6 ? ? C2    B DG 6 ? ? N3    B DG 6 ? ? 130.06 123.90 6.16   0.60 N 
38 1 C5    B DG 6 ? ? C6    B DG 6 ? ? N1    B DG 6 ? ? 117.34 111.50 5.84   0.50 N 
39 1 N3    B DG 6 ? ? C2    B DG 6 ? ? N2    B DG 6 ? ? 109.38 119.90 -10.52 0.70 N 
40 1 C5    B DG 6 ? ? C6    B DG 6 ? ? O6    B DG 6 ? ? 123.06 128.60 -5.54  0.60 N 
41 1 "C3'" B DG 6 ? ? "O3'" B DG 6 ? ? P     B DC 7 ? ? 129.20 119.70 9.50   1.20 Y 
42 1 "O5'" B DC 7 ? ? P     B DC 7 ? ? OP1   B DC 7 ? ? 98.18  105.70 -7.52  0.90 N 
43 1 P     B DC 7 ? ? "O5'" B DC 7 ? ? "C5'" B DC 7 ? ? 107.47 120.90 -13.43 1.60 N 
44 1 "O4'" B DC 7 ? ? "C4'" B DC 7 ? ? "C3'" B DC 7 ? ? 96.67  104.50 -7.83  0.40 N 
45 1 "C1'" B DC 7 ? ? "O4'" B DC 7 ? ? "C4'" B DC 7 ? ? 101.34 110.10 -8.76  1.00 N 
46 1 C2    B DC 7 ? ? N3    B DC 7 ? ? C4    B DC 7 ? ? 125.81 119.90 5.91   0.50 N 
47 1 N3    B DC 7 ? ? C4    B DC 7 ? ? C5    B DC 7 ? ? 116.41 121.90 -5.49  0.40 N 
48 1 N1    B DC 7 ? ? C2    B DC 7 ? ? O2    B DC 7 ? ? 124.34 118.90 5.44   0.60 N 
49 1 "C3'" B DC 7 ? ? "O3'" B DC 7 ? ? P     B DG 8 ? ? 131.14 119.70 11.44  1.20 Y 
50 1 "O5'" B DG 8 ? ? P     B DG 8 ? ? OP1   B DG 8 ? ? 100.30 105.70 -5.40  0.90 N 
51 1 "O4'" B DG 8 ? ? "C4'" B DG 8 ? ? "C3'" B DG 8 ? ? 100.86 104.50 -3.64  0.40 N 
52 1 "C5'" B DG 8 ? ? "C4'" B DG 8 ? ? "O4'" B DG 8 ? ? 120.26 109.80 10.46  1.10 N 
53 1 C6    B DG 8 ? ? N1    B DG 8 ? ? C2    B DG 8 ? ? 119.01 125.10 -6.09  0.60 N 
54 1 N1    B DG 8 ? ? C2    B DG 8 ? ? N3    B DG 8 ? ? 129.28 123.90 5.38   0.60 N 
55 1 C5    B DG 8 ? ? C6    B DG 8 ? ? N1    B DG 8 ? ? 118.11 111.50 6.61   0.50 N 
56 1 N3    B DG 8 ? ? C2    B DG 8 ? ? N2    B DG 8 ? ? 110.47 119.90 -9.43  0.70 N 
57 1 C5    B DG 8 ? ? C6    B DG 8 ? ? O6    B DG 8 ? ? 124.96 128.60 -3.64  0.60 N 
# 
loop_
_pdbx_struct_mod_residue.id 
_pdbx_struct_mod_residue.label_asym_id 
_pdbx_struct_mod_residue.label_comp_id 
_pdbx_struct_mod_residue.label_seq_id 
_pdbx_struct_mod_residue.auth_asym_id 
_pdbx_struct_mod_residue.auth_comp_id 
_pdbx_struct_mod_residue.auth_seq_id 
_pdbx_struct_mod_residue.PDB_ins_code 
_pdbx_struct_mod_residue.parent_comp_id 
_pdbx_struct_mod_residue.details 
1 A CBR 1 A CBR 1 ? DC ? 
2 B CBR 1 B CBR 5 ? DC ? 
# 
_struct_site_keywords.site_id   1 
_struct_site_keywords.text      BIS-INTERCALATION 
# 
loop_
_refine_B_iso.class 
_refine_B_iso.details 
_refine_B_iso.treatment 
_refine_B_iso.pdbx_refine_id 
'ALL ATOMS'  TR isotropic 'X-RAY DIFFRACTION' 
'ALL WATERS' TR isotropic 'X-RAY DIFFRACTION' 
# 
loop_
_refine_occupancy.class 
_refine_occupancy.treatment 
_refine_occupancy.pdbx_refine_id 
'ALL ATOMS'  fix 'X-RAY DIFFRACTION' 
'ALL WATERS' fix 'X-RAY DIFFRACTION' 
# 
loop_
_chem_comp_atom.comp_id 
_chem_comp_atom.atom_id 
_chem_comp_atom.type_symbol 
_chem_comp_atom.pdbx_aromatic_flag 
_chem_comp_atom.pdbx_stereo_config 
_chem_comp_atom.pdbx_ordinal 
CBR BR     BR N N 1   
CBR P      P  N N 2   
CBR OP1    O  N N 3   
CBR OP2    O  N N 4   
CBR "O5'"  O  N N 5   
CBR N1     N  N N 6   
CBR C6     C  N N 7   
CBR C2     C  N N 8   
CBR O2     O  N N 9   
CBR N3     N  N N 10  
CBR C4     C  N N 11  
CBR N4     N  N N 12  
CBR C5     C  N N 13  
CBR "C2'"  C  N N 14  
CBR "C5'"  C  N N 15  
CBR "C4'"  C  N R 16  
CBR "O4'"  O  N N 17  
CBR "C1'"  C  N R 18  
CBR "C3'"  C  N S 19  
CBR "O3'"  O  N N 20  
CBR OP3    O  N N 21  
CBR HOP2   H  N N 22  
CBR H6     H  N N 23  
CBR H41    H  N N 24  
CBR H42    H  N N 25  
CBR "H2'"  H  N N 26  
CBR "H2''" H  N N 27  
CBR "H5'"  H  N N 28  
CBR "H5''" H  N N 29  
CBR "H4'"  H  N N 30  
CBR "H1'"  H  N N 31  
CBR "H3'"  H  N N 32  
CBR "HO3'" H  N N 33  
CBR HOP3   H  N N 34  
DC  OP3    O  N N 35  
DC  P      P  N N 36  
DC  OP1    O  N N 37  
DC  OP2    O  N N 38  
DC  "O5'"  O  N N 39  
DC  "C5'"  C  N N 40  
DC  "C4'"  C  N R 41  
DC  "O4'"  O  N N 42  
DC  "C3'"  C  N S 43  
DC  "O3'"  O  N N 44  
DC  "C2'"  C  N N 45  
DC  "C1'"  C  N R 46  
DC  N1     N  N N 47  
DC  C2     C  N N 48  
DC  O2     O  N N 49  
DC  N3     N  N N 50  
DC  C4     C  N N 51  
DC  N4     N  N N 52  
DC  C5     C  N N 53  
DC  C6     C  N N 54  
DC  HOP3   H  N N 55  
DC  HOP2   H  N N 56  
DC  "H5'"  H  N N 57  
DC  "H5''" H  N N 58  
DC  "H4'"  H  N N 59  
DC  "H3'"  H  N N 60  
DC  "HO3'" H  N N 61  
DC  "H2'"  H  N N 62  
DC  "H2''" H  N N 63  
DC  "H1'"  H  N N 64  
DC  H41    H  N N 65  
DC  H42    H  N N 66  
DC  H5     H  N N 67  
DC  H6     H  N N 68  
DG  OP3    O  N N 69  
DG  P      P  N N 70  
DG  OP1    O  N N 71  
DG  OP2    O  N N 72  
DG  "O5'"  O  N N 73  
DG  "C5'"  C  N N 74  
DG  "C4'"  C  N R 75  
DG  "O4'"  O  N N 76  
DG  "C3'"  C  N S 77  
DG  "O3'"  O  N N 78  
DG  "C2'"  C  N N 79  
DG  "C1'"  C  N R 80  
DG  N9     N  Y N 81  
DG  C8     C  Y N 82  
DG  N7     N  Y N 83  
DG  C5     C  Y N 84  
DG  C6     C  N N 85  
DG  O6     O  N N 86  
DG  N1     N  N N 87  
DG  C2     C  N N 88  
DG  N2     N  N N 89  
DG  N3     N  N N 90  
DG  C4     C  Y N 91  
DG  HOP3   H  N N 92  
DG  HOP2   H  N N 93  
DG  "H5'"  H  N N 94  
DG  "H5''" H  N N 95  
DG  "H4'"  H  N N 96  
DG  "H3'"  H  N N 97  
DG  "HO3'" H  N N 98  
DG  "H2'"  H  N N 99  
DG  "H2''" H  N N 100 
DG  "H1'"  H  N N 101 
DG  H8     H  N N 102 
DG  H1     H  N N 103 
DG  H21    H  N N 104 
DG  H22    H  N N 105 
FLD C1     C  Y N 106 
FLD N2     N  Y N 107 
FLD C3     C  Y N 108 
FLD C4     C  Y N 109 
FLD C5     C  Y N 110 
FLD C6     C  Y N 111 
FLD N7     N  Y N 112 
FLD C8     C  Y N 113 
FLD C9     C  Y N 114 
FLD C10    C  Y N 115 
FLD O10    O  N N 116 
FLD C11    C  Y N 117 
FLD C12    C  Y N 118 
FLD C13    C  Y N 119 
FLD C14    C  Y N 120 
FLD C15    C  Y N 121 
FLD C16    C  Y N 122 
FLD C17    C  Y N 123 
FLD C18    C  N N 124 
FLD C19    C  N N 125 
FLD C20    C  N N 126 
FLD N21    N  N N 127 
FLD C22    C  N N 128 
FLD C23    C  N N 129 
FLD C24    C  N N 130 
FLD C1X    C  Y N 131 
FLD N2X    N  Y N 132 
FLD C3X    C  Y N 133 
FLD C4X    C  Y N 134 
FLD C5X    C  Y N 135 
FLD C6X    C  Y N 136 
FLD N7X    N  Y N 137 
FLD C8X    C  Y N 138 
FLD C9X    C  Y N 139 
FLD CAX    C  Y N 140 
FLD OAX    O  N N 141 
FLD CBX    C  Y N 142 
FLD CCX    C  Y N 143 
FLD CDX    C  Y N 144 
FLD CEX    C  Y N 145 
FLD CFX    C  Y N 146 
FLD CGX    C  Y N 147 
FLD CHX    C  Y N 148 
FLD CIX    C  N N 149 
FLD CJX    C  N N 150 
FLD CKX    C  N N 151 
FLD NLX    N  N N 152 
FLD CMX    C  N N 153 
FLD CNX    C  N N 154 
FLD COX    C  N N 155 
FLD H1     H  N N 156 
FLD H3     H  N N 157 
FLD H4     H  N N 158 
FLD H5     H  N N 159 
FLD H6     H  N N 160 
FLD HN7    H  N N 161 
FLD H8     H  N N 162 
FLD H9     H  N N 163 
FLD H11    H  N N 164 
FLD H181   H  N N 165 
FLD H182   H  N N 166 
FLD H183   H  N N 167 
FLD H191   H  N N 168 
FLD H192   H  N N 169 
FLD H201   H  N N 170 
FLD H202   H  N N 171 
FLD HN21   H  N N 172 
FLD HN22   H  N N 173 
FLD H221   H  N N 174 
FLD H222   H  N N 175 
FLD H231   H  N N 176 
FLD H232   H  N N 177 
FLD H241   H  N N 178 
FLD H242   H  N N 179 
FLD H1X    H  N N 180 
FLD H3X    H  N N 181 
FLD H4X    H  N N 182 
FLD H5X    H  N N 183 
FLD H6X    H  N N 184 
FLD HN7X   H  N N 185 
FLD H8X    H  N N 186 
FLD H9X    H  N N 187 
FLD H11X   H  N N 188 
FLD HX81   H  N N 189 
FLD HX82   H  N N 190 
FLD HX83   H  N N 191 
FLD HX91   H  N N 192 
FLD HX92   H  N N 193 
FLD HX01   H  N N 194 
FLD HX02   H  N N 195 
FLD HN1X   H  N N 196 
FLD HN2X   H  N N 197 
FLD HX21   H  N N 198 
FLD HX22   H  N N 199 
FLD HX31   H  N N 200 
FLD HX32   H  N N 201 
FLD HX41   H  N N 202 
FLD HX42   H  N N 203 
HOH O      O  N N 204 
HOH H1     H  N N 205 
HOH H2     H  N N 206 
# 
loop_
_chem_comp_bond.comp_id 
_chem_comp_bond.atom_id_1 
_chem_comp_bond.atom_id_2 
_chem_comp_bond.value_order 
_chem_comp_bond.pdbx_aromatic_flag 
_chem_comp_bond.pdbx_stereo_config 
_chem_comp_bond.pdbx_ordinal 
CBR BR    C5     sing N N 1   
CBR P     OP1    doub N N 2   
CBR P     OP2    sing N N 3   
CBR P     "O5'"  sing N N 4   
CBR P     OP3    sing N N 5   
CBR OP2   HOP2   sing N N 6   
CBR "O5'" "C5'"  sing N N 7   
CBR N1    C6     sing N N 8   
CBR N1    C2     sing N N 9   
CBR N1    "C1'"  sing N N 10  
CBR C6    C5     doub N N 11  
CBR C6    H6     sing N N 12  
CBR C2    O2     doub N N 13  
CBR C2    N3     sing N N 14  
CBR N3    C4     doub N N 15  
CBR C4    N4     sing N N 16  
CBR C4    C5     sing N N 17  
CBR N4    H41    sing N N 18  
CBR N4    H42    sing N N 19  
CBR "C2'" "C1'"  sing N N 20  
CBR "C2'" "C3'"  sing N N 21  
CBR "C2'" "H2'"  sing N N 22  
CBR "C2'" "H2''" sing N N 23  
CBR "C5'" "C4'"  sing N N 24  
CBR "C5'" "H5'"  sing N N 25  
CBR "C5'" "H5''" sing N N 26  
CBR "C4'" "O4'"  sing N N 27  
CBR "C4'" "C3'"  sing N N 28  
CBR "C4'" "H4'"  sing N N 29  
CBR "O4'" "C1'"  sing N N 30  
CBR "C1'" "H1'"  sing N N 31  
CBR "C3'" "O3'"  sing N N 32  
CBR "C3'" "H3'"  sing N N 33  
CBR "O3'" "HO3'" sing N N 34  
CBR OP3   HOP3   sing N N 35  
DC  OP3   P      sing N N 36  
DC  OP3   HOP3   sing N N 37  
DC  P     OP1    doub N N 38  
DC  P     OP2    sing N N 39  
DC  P     "O5'"  sing N N 40  
DC  OP2   HOP2   sing N N 41  
DC  "O5'" "C5'"  sing N N 42  
DC  "C5'" "C4'"  sing N N 43  
DC  "C5'" "H5'"  sing N N 44  
DC  "C5'" "H5''" sing N N 45  
DC  "C4'" "O4'"  sing N N 46  
DC  "C4'" "C3'"  sing N N 47  
DC  "C4'" "H4'"  sing N N 48  
DC  "O4'" "C1'"  sing N N 49  
DC  "C3'" "O3'"  sing N N 50  
DC  "C3'" "C2'"  sing N N 51  
DC  "C3'" "H3'"  sing N N 52  
DC  "O3'" "HO3'" sing N N 53  
DC  "C2'" "C1'"  sing N N 54  
DC  "C2'" "H2'"  sing N N 55  
DC  "C2'" "H2''" sing N N 56  
DC  "C1'" N1     sing N N 57  
DC  "C1'" "H1'"  sing N N 58  
DC  N1    C2     sing N N 59  
DC  N1    C6     sing N N 60  
DC  C2    O2     doub N N 61  
DC  C2    N3     sing N N 62  
DC  N3    C4     doub N N 63  
DC  C4    N4     sing N N 64  
DC  C4    C5     sing N N 65  
DC  N4    H41    sing N N 66  
DC  N4    H42    sing N N 67  
DC  C5    C6     doub N N 68  
DC  C5    H5     sing N N 69  
DC  C6    H6     sing N N 70  
DG  OP3   P      sing N N 71  
DG  OP3   HOP3   sing N N 72  
DG  P     OP1    doub N N 73  
DG  P     OP2    sing N N 74  
DG  P     "O5'"  sing N N 75  
DG  OP2   HOP2   sing N N 76  
DG  "O5'" "C5'"  sing N N 77  
DG  "C5'" "C4'"  sing N N 78  
DG  "C5'" "H5'"  sing N N 79  
DG  "C5'" "H5''" sing N N 80  
DG  "C4'" "O4'"  sing N N 81  
DG  "C4'" "C3'"  sing N N 82  
DG  "C4'" "H4'"  sing N N 83  
DG  "O4'" "C1'"  sing N N 84  
DG  "C3'" "O3'"  sing N N 85  
DG  "C3'" "C2'"  sing N N 86  
DG  "C3'" "H3'"  sing N N 87  
DG  "O3'" "HO3'" sing N N 88  
DG  "C2'" "C1'"  sing N N 89  
DG  "C2'" "H2'"  sing N N 90  
DG  "C2'" "H2''" sing N N 91  
DG  "C1'" N9     sing N N 92  
DG  "C1'" "H1'"  sing N N 93  
DG  N9    C8     sing Y N 94  
DG  N9    C4     sing Y N 95  
DG  C8    N7     doub Y N 96  
DG  C8    H8     sing N N 97  
DG  N7    C5     sing Y N 98  
DG  C5    C6     sing N N 99  
DG  C5    C4     doub Y N 100 
DG  C6    O6     doub N N 101 
DG  C6    N1     sing N N 102 
DG  N1    C2     sing N N 103 
DG  N1    H1     sing N N 104 
DG  C2    N2     sing N N 105 
DG  C2    N3     doub N N 106 
DG  N2    H21    sing N N 107 
DG  N2    H22    sing N N 108 
DG  N3    C4     sing N N 109 
FLD C1    N2     doub Y N 110 
FLD C1    C17    sing Y N 111 
FLD C1    H1     sing N N 112 
FLD N2    C3     sing Y N 113 
FLD N2    C19    sing N N 114 
FLD C3    C4     doub Y N 115 
FLD C3    H3     sing N N 116 
FLD C4    C12    sing Y N 117 
FLD C4    H4     sing N N 118 
FLD C5    C6     doub Y N 119 
FLD C5    C12    sing Y N 120 
FLD C5    H5     sing N N 121 
FLD C6    C13    sing Y N 122 
FLD C6    H6     sing N N 123 
FLD N7    C13    sing Y N 124 
FLD N7    C14    sing Y N 125 
FLD N7    HN7    sing N N 126 
FLD C8    C9     sing Y N 127 
FLD C8    C14    doub Y N 128 
FLD C8    H8     sing N N 129 
FLD C9    C10    doub Y N 130 
FLD C9    H9     sing N N 131 
FLD C10   O10    sing N N 132 
FLD C10   C11    sing Y N 133 
FLD O10   C18    sing N N 134 
FLD C11   C15    doub Y N 135 
FLD C11   H11    sing N N 136 
FLD C12   C17    doub Y N 137 
FLD C13   C16    doub Y N 138 
FLD C14   C15    sing Y N 139 
FLD C15   C16    sing Y N 140 
FLD C16   C17    sing Y N 141 
FLD C18   H181   sing N N 142 
FLD C18   H182   sing N N 143 
FLD C18   H183   sing N N 144 
FLD C19   C20    sing N N 145 
FLD C19   H191   sing N N 146 
FLD C19   H192   sing N N 147 
FLD C20   N21    sing N N 148 
FLD C20   H201   sing N N 149 
FLD C20   H202   sing N N 150 
FLD N21   C22    sing N N 151 
FLD N21   HN21   sing N N 152 
FLD N21   HN22   sing N N 153 
FLD C22   C23    sing N N 154 
FLD C22   H221   sing N N 155 
FLD C22   H222   sing N N 156 
FLD C23   C24    sing N N 157 
FLD C23   H231   sing N N 158 
FLD C23   H232   sing N N 159 
FLD C24   COX    sing N N 160 
FLD C24   H241   sing N N 161 
FLD C24   H242   sing N N 162 
FLD C1X   N2X    doub Y N 163 
FLD C1X   CHX    sing Y N 164 
FLD C1X   H1X    sing N N 165 
FLD N2X   C3X    sing Y N 166 
FLD N2X   CJX    sing N N 167 
FLD C3X   C4X    doub Y N 168 
FLD C3X   H3X    sing N N 169 
FLD C4X   CCX    sing Y N 170 
FLD C4X   H4X    sing N N 171 
FLD C5X   C6X    doub Y N 172 
FLD C5X   CCX    sing Y N 173 
FLD C5X   H5X    sing N N 174 
FLD C6X   CDX    sing Y N 175 
FLD C6X   H6X    sing N N 176 
FLD N7X   CDX    sing Y N 177 
FLD N7X   CEX    sing Y N 178 
FLD N7X   HN7X   sing N N 179 
FLD C8X   C9X    sing Y N 180 
FLD C8X   CEX    doub Y N 181 
FLD C8X   H8X    sing N N 182 
FLD C9X   CAX    doub Y N 183 
FLD C9X   H9X    sing N N 184 
FLD CAX   OAX    sing N N 185 
FLD CAX   CBX    sing Y N 186 
FLD OAX   CIX    sing N N 187 
FLD CBX   CFX    doub Y N 188 
FLD CBX   H11X   sing N N 189 
FLD CCX   CHX    doub Y N 190 
FLD CDX   CGX    doub Y N 191 
FLD CEX   CFX    sing Y N 192 
FLD CFX   CGX    sing Y N 193 
FLD CGX   CHX    sing Y N 194 
FLD CIX   HX81   sing N N 195 
FLD CIX   HX82   sing N N 196 
FLD CIX   HX83   sing N N 197 
FLD CJX   CKX    sing N N 198 
FLD CJX   HX91   sing N N 199 
FLD CJX   HX92   sing N N 200 
FLD CKX   NLX    sing N N 201 
FLD CKX   HX01   sing N N 202 
FLD CKX   HX02   sing N N 203 
FLD NLX   CMX    sing N N 204 
FLD NLX   HN1X   sing N N 205 
FLD NLX   HN2X   sing N N 206 
FLD CMX   CNX    sing N N 207 
FLD CMX   HX21   sing N N 208 
FLD CMX   HX22   sing N N 209 
FLD CNX   COX    sing N N 210 
FLD CNX   HX31   sing N N 211 
FLD CNX   HX32   sing N N 212 
FLD COX   HX41   sing N N 213 
FLD COX   HX42   sing N N 214 
HOH O     H1     sing N N 215 
HOH O     H2     sing N N 216 
# 
_ndb_struct_conf_na.entry_id   154D 
_ndb_struct_conf_na.feature    'b-form double helix' 
# 
loop_
_ndb_struct_na_base_pair.model_number 
_ndb_struct_na_base_pair.i_label_asym_id 
_ndb_struct_na_base_pair.i_label_comp_id 
_ndb_struct_na_base_pair.i_label_seq_id 
_ndb_struct_na_base_pair.i_symmetry 
_ndb_struct_na_base_pair.j_label_asym_id 
_ndb_struct_na_base_pair.j_label_comp_id 
_ndb_struct_na_base_pair.j_label_seq_id 
_ndb_struct_na_base_pair.j_symmetry 
_ndb_struct_na_base_pair.shear 
_ndb_struct_na_base_pair.stretch 
_ndb_struct_na_base_pair.stagger 
_ndb_struct_na_base_pair.buckle 
_ndb_struct_na_base_pair.propeller 
_ndb_struct_na_base_pair.opening 
_ndb_struct_na_base_pair.pair_number 
_ndb_struct_na_base_pair.pair_name 
_ndb_struct_na_base_pair.i_auth_asym_id 
_ndb_struct_na_base_pair.i_auth_seq_id 
_ndb_struct_na_base_pair.i_PDB_ins_code 
_ndb_struct_na_base_pair.j_auth_asym_id 
_ndb_struct_na_base_pair.j_auth_seq_id 
_ndb_struct_na_base_pair.j_PDB_ins_code 
_ndb_struct_na_base_pair.hbond_type_28 
_ndb_struct_na_base_pair.hbond_type_12 
1 A CBR 1 1_555 B DG  4 1_555 0.357  -0.348 0.177  2.524  -4.268 1.747  1 A_CBR1:DG8_B A 1 ? B 8 ? 19 1 
1 A DG  2 1_555 B DC  3 1_555 -0.465 -0.433 -0.277 -7.802 3.583  -2.794 2 A_DG2:DC7_B  A 2 ? B 7 ? 19 1 
1 A DC  3 1_555 B DG  2 1_555 -0.242 -0.305 -0.139 3.921  7.024  -0.516 3 A_DC3:DG6_B  A 3 ? B 6 ? 19 1 
1 A DG  4 1_555 B CBR 1 1_555 -0.132 -0.212 0.106  -4.085 -6.668 4.106  4 A_DG4:CBR5_B A 4 ? B 5 ? 19 1 
# 
loop_
_ndb_struct_na_base_pair_step.model_number 
_ndb_struct_na_base_pair_step.i_label_asym_id_1 
_ndb_struct_na_base_pair_step.i_label_comp_id_1 
_ndb_struct_na_base_pair_step.i_label_seq_id_1 
_ndb_struct_na_base_pair_step.i_symmetry_1 
_ndb_struct_na_base_pair_step.j_label_asym_id_1 
_ndb_struct_na_base_pair_step.j_label_comp_id_1 
_ndb_struct_na_base_pair_step.j_label_seq_id_1 
_ndb_struct_na_base_pair_step.j_symmetry_1 
_ndb_struct_na_base_pair_step.i_label_asym_id_2 
_ndb_struct_na_base_pair_step.i_label_comp_id_2 
_ndb_struct_na_base_pair_step.i_label_seq_id_2 
_ndb_struct_na_base_pair_step.i_symmetry_2 
_ndb_struct_na_base_pair_step.j_label_asym_id_2 
_ndb_struct_na_base_pair_step.j_label_comp_id_2 
_ndb_struct_na_base_pair_step.j_label_seq_id_2 
_ndb_struct_na_base_pair_step.j_symmetry_2 
_ndb_struct_na_base_pair_step.shift 
_ndb_struct_na_base_pair_step.slide 
_ndb_struct_na_base_pair_step.rise 
_ndb_struct_na_base_pair_step.tilt 
_ndb_struct_na_base_pair_step.roll 
_ndb_struct_na_base_pair_step.twist 
_ndb_struct_na_base_pair_step.x_displacement 
_ndb_struct_na_base_pair_step.y_displacement 
_ndb_struct_na_base_pair_step.helical_rise 
_ndb_struct_na_base_pair_step.inclination 
_ndb_struct_na_base_pair_step.tip 
_ndb_struct_na_base_pair_step.helical_twist 
_ndb_struct_na_base_pair_step.step_number 
_ndb_struct_na_base_pair_step.step_name 
_ndb_struct_na_base_pair_step.i_auth_asym_id_1 
_ndb_struct_na_base_pair_step.i_auth_seq_id_1 
_ndb_struct_na_base_pair_step.i_PDB_ins_code_1 
_ndb_struct_na_base_pair_step.j_auth_asym_id_1 
_ndb_struct_na_base_pair_step.j_auth_seq_id_1 
_ndb_struct_na_base_pair_step.j_PDB_ins_code_1 
_ndb_struct_na_base_pair_step.i_auth_asym_id_2 
_ndb_struct_na_base_pair_step.i_auth_seq_id_2 
_ndb_struct_na_base_pair_step.i_PDB_ins_code_2 
_ndb_struct_na_base_pair_step.j_auth_asym_id_2 
_ndb_struct_na_base_pair_step.j_auth_seq_id_2 
_ndb_struct_na_base_pair_step.j_PDB_ins_code_2 
1 A CBR 1 1_555 B DG 4 1_555 A DG 2 1_555 B DC  3 1_555 0.953  -0.131 6.996 6.392  1.076  17.303 -1.697 4.695  6.877 3.424   
-20.343 18.469 1 AA_CBR1DG2:DC7DG8_BB A 1 ? B 8 ? A 2 ? B 7 ? 
1 A DG  2 1_555 B DC 3 1_555 A DC 3 1_555 B DG  2 1_555 0.521  0.014  3.368 -1.695 -8.598 25.360 2.309  -1.574 3.152 -18.881 3.723 
26.808 2 AA_DG2DC3:DG6DC7_BB  A 2 ? B 7 ? A 3 ? B 6 ? 
1 A DC  3 1_555 B DG 2 1_555 A DG 4 1_555 B CBR 1 1_555 -0.985 -0.380 6.919 -3.829 -0.247 24.306 -0.730 -0.206 6.992 -0.583  9.021 
24.603 3 AA_DC3DG4:CBR5DG6_BB A 3 ? B 6 ? A 4 ? B 5 ? 
# 
_atom_sites.entry_id                    154D 
_atom_sites.fract_transf_matrix[1][1]   0.01679588 
_atom_sites.fract_transf_matrix[1][2]   0.01599671 
_atom_sites.fract_transf_matrix[1][3]   0.02871667 
_atom_sites.fract_transf_matrix[2][1]   -0.02144962 
_atom_sites.fract_transf_matrix[2][2]   0.02976999 
_atom_sites.fract_transf_matrix[2][3]   -0.00403796 
_atom_sites.fract_transf_matrix[3][1]   -0.00824045 
_atom_sites.fract_transf_matrix[3][2]   -0.00491243 
_atom_sites.fract_transf_matrix[3][3]   0.00755618 
_atom_sites.fract_transf_vector[1]      0.008287 
_atom_sites.fract_transf_vector[2]      0.493411 
_atom_sites.fract_transf_vector[3]      0.377191 
# 
loop_
_atom_type.symbol 
BR 
C  
N  
O  
P  
# 
loop_
_atom_site.group_PDB 
_atom_site.id 
_atom_site.type_symbol 
_atom_site.label_atom_id 
_atom_site.label_alt_id 
_atom_site.label_comp_id 
_atom_site.label_asym_id 
_atom_site.label_entity_id 
_atom_site.label_seq_id 
_atom_site.pdbx_PDB_ins_code 
_atom_site.Cartn_x 
_atom_site.Cartn_y 
_atom_site.Cartn_z 
_atom_site.occupancy 
_atom_site.B_iso_or_equiv 
_atom_site.pdbx_formal_charge 
_atom_site.auth_seq_id 
_atom_site.auth_comp_id 
_atom_site.auth_asym_id 
_atom_site.auth_atom_id 
_atom_site.pdbx_PDB_model_num 
HETATM 1   BR BR    . CBR A 1 1 ? -9.227  -4.709  1.375   1.00 24.96 ? 1  CBR A BR    1 
HETATM 2   O  "O5'" . CBR A 1 1 ? -11.408 -2.044  1.177   1.00 21.60 ? 1  CBR A "O5'" 1 
HETATM 3   N  N1    . CBR A 1 1 ? -9.134  -1.379  3.692   1.00 20.53 ? 1  CBR A N1    1 
HETATM 4   C  C6    . CBR A 1 1 ? -9.472  -2.358  2.782   1.00 20.36 ? 1  CBR A C6    1 
HETATM 5   C  C2    . CBR A 1 1 ? -8.047  -1.529  4.481   1.00 20.04 ? 1  CBR A C2    1 
HETATM 6   O  O2    . CBR A 1 1 ? -7.737  -0.685  5.300   1.00 20.08 ? 1  CBR A O2    1 
HETATM 7   N  N3    . CBR A 1 1 ? -7.296  -2.660  4.314   1.00 20.32 ? 1  CBR A N3    1 
HETATM 8   C  C4    . CBR A 1 1 ? -7.600  -3.657  3.392   1.00 20.68 ? 1  CBR A C4    1 
HETATM 9   N  N4    . CBR A 1 1 ? -6.815  -4.767  3.261   1.00 20.41 ? 1  CBR A N4    1 
HETATM 10  C  C5    . CBR A 1 1 ? -8.768  -3.448  2.600   1.00 20.90 ? 1  CBR A C5    1 
HETATM 11  C  "C2'" . CBR A 1 1 ? -9.685  1.119   3.188   1.00 21.71 ? 1  CBR A "C2'" 1 
HETATM 12  C  "C5'" . CBR A 1 1 ? -12.161 -0.828  1.065   1.00 21.58 ? 1  CBR A "C5'" 1 
HETATM 13  C  "C4'" . CBR A 1 1 ? -11.665 0.128   2.148   1.00 21.80 ? 1  CBR A "C4'" 1 
HETATM 14  O  "O4'" . CBR A 1 1 ? -11.262 -0.595  3.290   1.00 21.61 ? 1  CBR A "O4'" 1 
HETATM 15  C  "C1'" . CBR A 1 1 ? -9.998  -0.159  3.889   1.00 20.88 ? 1  CBR A "C1'" 1 
HETATM 16  C  "C3'" . CBR A 1 1 ? -10.432 1.008   1.848   1.00 22.18 ? 1  CBR A "C3'" 1 
HETATM 17  O  "O3'" . CBR A 1 1 ? -10.904 2.261   1.399   1.00 22.93 ? 1  CBR A "O3'" 1 
ATOM   18  P  P     . DG  A 1 2 ? -10.239 2.950   0.109   1.00 23.27 ? 2  DG  A P     1 
ATOM   19  O  OP1   . DG  A 1 2 ? -10.599 4.368   0.209   1.00 23.18 ? 2  DG  A OP1   1 
ATOM   20  O  OP2   . DG  A 1 2 ? -10.494 2.053   -0.945  1.00 22.91 ? 2  DG  A OP2   1 
ATOM   21  O  "O5'" . DG  A 1 2 ? -8.585  2.724   0.242   1.00 22.34 ? 2  DG  A "O5'" 1 
ATOM   22  C  "C5'" . DG  A 1 2 ? -8.135  3.601   1.331   1.00 20.30 ? 2  DG  A "C5'" 1 
ATOM   23  C  "C4'" . DG  A 1 2 ? -6.751  4.145   0.982   1.00 18.33 ? 2  DG  A "C4'" 1 
ATOM   24  O  "O4'" . DG  A 1 2 ? -5.751  3.123   0.921   1.00 16.51 ? 2  DG  A "O4'" 1 
ATOM   25  C  "C3'" . DG  A 1 2 ? -6.721  4.788   -0.444  1.00 18.47 ? 2  DG  A "C3'" 1 
ATOM   26  O  "O3'" . DG  A 1 2 ? -5.896  5.872   -0.356  1.00 20.57 ? 2  DG  A "O3'" 1 
ATOM   27  C  "C2'" . DG  A 1 2 ? -6.278  3.563   -1.278  1.00 16.60 ? 2  DG  A "C2'" 1 
ATOM   28  C  "C1'" . DG  A 1 2 ? -5.127  3.062   -0.335  1.00 13.93 ? 2  DG  A "C1'" 1 
ATOM   29  N  N9    . DG  A 1 2 ? -4.689  1.777   -0.656  1.00 12.08 ? 2  DG  A N9    1 
ATOM   30  C  C8    . DG  A 1 2 ? -5.233  0.938   -1.528  1.00 11.38 ? 2  DG  A C8    1 
ATOM   31  N  N7    . DG  A 1 2 ? -4.573  -0.229  -1.648  1.00 11.23 ? 2  DG  A N7    1 
ATOM   32  C  C5    . DG  A 1 2 ? -3.536  -0.072  -0.773  1.00 10.54 ? 2  DG  A C5    1 
ATOM   33  C  C6    . DG  A 1 2 ? -2.494  -0.971  -0.422  1.00 10.26 ? 2  DG  A C6    1 
ATOM   34  O  O6    . DG  A 1 2 ? -2.371  -2.125  -0.918  1.00 9.88  ? 2  DG  A O6    1 
ATOM   35  N  N1    . DG  A 1 2 ? -1.629  -0.542  0.489   1.00 9.97  ? 2  DG  A N1    1 
ATOM   36  C  C2    . DG  A 1 2 ? -1.773  0.669   1.033   1.00 9.96  ? 2  DG  A C2    1 
ATOM   37  N  N2    . DG  A 1 2 ? -1.000  1.090   1.890   1.00 9.50  ? 2  DG  A N2    1 
ATOM   38  N  N3    . DG  A 1 2 ? -2.715  1.598   0.793   1.00 10.67 ? 2  DG  A N3    1 
ATOM   39  C  C4    . DG  A 1 2 ? -3.565  1.126   -0.147  1.00 10.62 ? 2  DG  A C4    1 
ATOM   40  P  P     . DC  A 1 3 ? -5.740  7.214   -1.208  1.00 22.06 ? 3  DC  A P     1 
ATOM   41  O  OP1   . DC  A 1 3 ? -6.057  8.272   -0.288  1.00 21.77 ? 3  DC  A OP1   1 
ATOM   42  O  OP2   . DC  A 1 3 ? -6.388  6.985   -2.510  1.00 21.66 ? 3  DC  A OP2   1 
ATOM   43  O  "O5'" . DC  A 1 3 ? -4.113  7.557   -1.365  1.00 20.77 ? 3  DC  A "O5'" 1 
ATOM   44  C  "C5'" . DC  A 1 3 ? -3.686  7.475   0.116   1.00 19.26 ? 3  DC  A "C5'" 1 
ATOM   45  C  "C4'" . DC  A 1 3 ? -2.447  6.693   -0.060  1.00 17.87 ? 3  DC  A "C4'" 1 
ATOM   46  O  "O4'" . DC  A 1 3 ? -2.760  5.607   -1.007  1.00 16.72 ? 3  DC  A "O4'" 1 
ATOM   47  C  "C3'" . DC  A 1 3 ? -1.345  7.405   -0.987  1.00 17.87 ? 3  DC  A "C3'" 1 
ATOM   48  O  "O3'" . DC  A 1 3 ? -0.852  8.380   -0.168  1.00 18.96 ? 3  DC  A "O3'" 1 
ATOM   49  C  "C2'" . DC  A 1 3 ? -0.527  6.198   -1.377  1.00 16.86 ? 3  DC  A "C2'" 1 
ATOM   50  C  "C1'" . DC  A 1 3 ? -1.459  4.998   -0.910  1.00 14.71 ? 3  DC  A "C1'" 1 
ATOM   51  N  N1    . DC  A 1 3 ? -1.511  3.798   -1.776  1.00 12.98 ? 3  DC  A N1    1 
ATOM   52  C  C2    . DC  A 1 3 ? -0.593  2.837   -1.478  1.00 12.53 ? 3  DC  A C2    1 
ATOM   53  O  O2    . DC  A 1 3 ? 0.200   2.930   -0.545  1.00 12.71 ? 3  DC  A O2    1 
ATOM   54  N  N3    . DC  A 1 3 ? -0.599  1.727   -2.264  1.00 12.35 ? 3  DC  A N3    1 
ATOM   55  C  C4    . DC  A 1 3 ? -1.463  1.520   -3.325  1.00 12.35 ? 3  DC  A C4    1 
ATOM   56  N  N4    . DC  A 1 3 ? -1.365  0.356   -4.039  1.00 12.42 ? 3  DC  A N4    1 
ATOM   57  C  C5    . DC  A 1 3 ? -2.401  2.527   -3.585  1.00 12.62 ? 3  DC  A C5    1 
ATOM   58  C  C6    . DC  A 1 3 ? -2.405  3.619   -2.793  1.00 12.53 ? 3  DC  A C6    1 
ATOM   59  P  P     . DG  A 1 4 ? 0.143   9.563   -0.534  1.00 20.11 ? 4  DG  A P     1 
ATOM   60  O  OP1   . DG  A 1 4 ? -0.423  10.749  0.164   1.00 20.05 ? 4  DG  A OP1   1 
ATOM   61  O  OP2   . DG  A 1 4 ? 0.415   9.513   -1.914  1.00 19.54 ? 4  DG  A OP2   1 
ATOM   62  O  "O5'" . DG  A 1 4 ? 1.619   9.154   0.079   1.00 18.10 ? 4  DG  A "O5'" 1 
ATOM   63  C  "C5'" . DG  A 1 4 ? 2.115   7.848   -0.341  1.00 14.91 ? 4  DG  A "C5'" 1 
ATOM   64  C  "C4'" . DG  A 1 4 ? 3.595   7.892   0.038   1.00 12.45 ? 4  DG  A "C4'" 1 
ATOM   65  O  "O4'" . DG  A 1 4 ? 4.495   7.065   -0.728  1.00 11.26 ? 4  DG  A "O4'" 1 
ATOM   66  C  "C3'" . DG  A 1 4 ? 4.244   9.323   -0.315  1.00 11.57 ? 4  DG  A "C3'" 1 
ATOM   67  O  "O3'" . DG  A 1 4 ? 5.429   9.314   0.385   1.00 12.11 ? 4  DG  A "O3'" 1 
ATOM   68  C  "C2'" . DG  A 1 4 ? 4.222   9.134   -1.824  1.00 10.28 ? 4  DG  A "C2'" 1 
ATOM   69  C  "C1'" . DG  A 1 4 ? 4.903   7.701   -1.923  1.00 8.69  ? 4  DG  A "C1'" 1 
ATOM   70  N  N9    . DG  A 1 4 ? 4.550   7.008   -3.077  1.00 7.16  ? 4  DG  A N9    1 
ATOM   71  C  C8    . DG  A 1 4 ? 3.574   7.310   -3.949  1.00 6.75  ? 4  DG  A C8    1 
ATOM   72  N  N7    . DG  A 1 4 ? 3.516   6.467   -4.992  1.00 6.77  ? 4  DG  A N7    1 
ATOM   73  C  C5    . DG  A 1 4 ? 4.522   5.579   -4.743  1.00 6.54  ? 4  DG  A C5    1 
ATOM   74  C  C6    . DG  A 1 4 ? 4.969   4.439   -5.473  1.00 6.37  ? 4  DG  A C6    1 
ATOM   75  O  O6    . DG  A 1 4 ? 4.461   4.033   -6.569  1.00 6.43  ? 4  DG  A O6    1 
ATOM   76  N  N1    . DG  A 1 4 ? 6.007   3.764   -4.978  1.00 5.97  ? 4  DG  A N1    1 
ATOM   77  C  C2    . DG  A 1 4 ? 6.537   4.183   -3.817  1.00 6.22  ? 4  DG  A C2    1 
ATOM   78  N  N2    . DG  A 1 4 ? 7.494   3.568   -3.306  1.00 6.34  ? 4  DG  A N2    1 
ATOM   79  N  N3    . DG  A 1 4 ? 6.213   5.227   -3.030  1.00 6.25  ? 4  DG  A N3    1 
ATOM   80  C  C4    . DG  A 1 4 ? 5.184   5.876   -3.580  1.00 6.35  ? 4  DG  A C4    1 
HETATM 81  BR BR    . CBR B 1 1 ? 6.102   -1.198  -9.004  1.00 19.83 ? 5  CBR B BR    1 
HETATM 82  O  "O5'" . CBR B 1 1 ? 9.302   -3.988  -7.566  1.00 17.21 ? 5  CBR B "O5'" 1 
HETATM 83  N  N1    . CBR B 1 1 ? 8.557   -0.292  -5.896  1.00 14.97 ? 5  CBR B N1    1 
HETATM 84  C  C6    . CBR B 1 1 ? 7.945   -0.880  -6.994  1.00 15.02 ? 5  CBR B C6    1 
HETATM 85  C  C2    . CBR B 1 1 ? 8.072   0.875   -5.411  1.00 14.56 ? 5  CBR B C2    1 
HETATM 86  O  O2    . CBR B 1 1 ? 8.545   1.438   -4.447  1.00 14.46 ? 5  CBR B O2    1 
HETATM 87  N  N3    . CBR B 1 1 ? 6.972   1.409   -6.028  1.00 14.61 ? 5  CBR B N3    1 
HETATM 88  C  C4    . CBR B 1 1 ? 6.340   0.824   -7.096  1.00 14.81 ? 5  CBR B C4    1 
HETATM 89  N  N4    . CBR B 1 1 ? 5.250   1.438   -7.639  1.00 15.42 ? 5  CBR B N4    1 
HETATM 90  C  C5    . CBR B 1 1 ? 6.885   -0.367  -7.578  1.00 15.34 ? 5  CBR B C5    1 
HETATM 91  C  "C2'" . CBR B 1 1 ? 9.885   -1.522  -3.970  1.00 16.03 ? 5  CBR B "C2'" 1 
HETATM 92  C  "C5'" . CBR B 1 1 ? 10.316  -4.278  -6.552  1.00 16.75 ? 5  CBR B "C5'" 1 
HETATM 93  C  "C4'" . CBR B 1 1 ? 10.520  -3.074  -5.670  1.00 16.25 ? 5  CBR B "C4'" 1 
HETATM 94  O  "O4'" . CBR B 1 1 ? 10.136  -1.884  -6.308  1.00 15.59 ? 5  CBR B "O4'" 1 
HETATM 95  C  "C1'" . CBR B 1 1 ? 9.792   -0.849  -5.300  1.00 15.11 ? 5  CBR B "C1'" 1 
HETATM 96  C  "C3'" . CBR B 1 1 ? 9.620   -2.984  -4.385  1.00 16.53 ? 5  CBR B "C3'" 1 
HETATM 97  O  "O3'" . CBR B 1 1 ? 10.049  -3.924  -3.485  1.00 16.99 ? 5  CBR B "O3'" 1 
ATOM   98  P  P     . DG  B 1 2 ? 9.078   -5.055  -2.912  1.00 16.92 ? 6  DG  B P     1 
ATOM   99  O  OP1   . DG  B 1 2 ? 9.874   -5.569  -1.860  1.00 17.12 ? 6  DG  B OP1   1 
ATOM   100 O  OP2   . DG  B 1 2 ? 8.611   -5.821  -4.058  1.00 17.05 ? 6  DG  B OP2   1 
ATOM   101 O  "O5'" . DG  B 1 2 ? 7.862   -4.328  -2.075  1.00 16.28 ? 6  DG  B "O5'" 1 
ATOM   102 C  "C5'" . DG  B 1 2 ? 8.395   -3.468  -1.053  1.00 15.14 ? 6  DG  B "C5'" 1 
ATOM   103 C  "C4'" . DG  B 1 2 ? 7.310   -3.291  -0.001  1.00 14.28 ? 6  DG  B "C4'" 1 
ATOM   104 O  "O4'" . DG  B 1 2 ? 6.189   -2.568  -0.592  1.00 13.28 ? 6  DG  B "O4'" 1 
ATOM   105 C  "C3'" . DG  B 1 2 ? 6.731   -4.628  0.549   1.00 14.50 ? 6  DG  B "C3'" 1 
ATOM   106 O  "O3'" . DG  B 1 2 ? 6.432   -4.500  1.896   1.00 16.12 ? 6  DG  B "O3'" 1 
ATOM   107 C  "C2'" . DG  B 1 2 ? 5.528   -4.785  -0.390  1.00 13.06 ? 6  DG  B "C2'" 1 
ATOM   108 C  "C1'" . DG  B 1 2 ? 4.978   -3.278  -0.353  1.00 11.55 ? 6  DG  B "C1'" 1 
ATOM   109 N  N9    . DG  B 1 2 ? 4.013   -3.050  -1.346  1.00 10.48 ? 6  DG  B N9    1 
ATOM   110 C  C8    . DG  B 1 2 ? 3.783   -3.822  -2.424  1.00 9.98  ? 6  DG  B C8    1 
ATOM   111 N  N7    . DG  B 1 2 ? 2.806   -3.372  -3.212  1.00 9.99  ? 6  DG  B N7    1 
ATOM   112 C  C5    . DG  B 1 2 ? 2.362   -2.269  -2.541  1.00 9.36  ? 6  DG  B C5    1 
ATOM   113 C  C6    . DG  B 1 2 ? 1.341   -1.339  -2.873  1.00 9.22  ? 6  DG  B C6    1 
ATOM   114 O  O6    . DG  B 1 2 ? 0.622   -1.444  -3.908  1.00 9.50  ? 6  DG  B O6    1 
ATOM   115 N  N1    . DG  B 1 2 ? 1.166   -0.304  -2.053  1.00 8.70  ? 6  DG  B N1    1 
ATOM   116 C  C2    . DG  B 1 2 ? 1.954   -0.202  -0.976  1.00 8.57  ? 6  DG  B C2    1 
ATOM   117 N  N2    . DG  B 1 2 ? 1.812   0.723   -0.185  1.00 8.40  ? 6  DG  B N2    1 
ATOM   118 N  N3    . DG  B 1 2 ? 2.942   -0.994  -0.557  1.00 8.92  ? 6  DG  B N3    1 
ATOM   119 C  C4    . DG  B 1 2 ? 3.080   -2.020  -1.416  1.00 9.33  ? 6  DG  B C4    1 
ATOM   120 P  P     . DC  B 1 3 ? 7.078   -5.247  3.148   1.00 17.04 ? 7  DC  B P     1 
ATOM   121 O  OP1   . DC  B 1 3 ? 8.288   -4.542  3.372   1.00 17.21 ? 7  DC  B OP1   1 
ATOM   122 O  OP2   . DC  B 1 3 ? 6.978   -6.672  2.864   1.00 17.03 ? 7  DC  B OP2   1 
ATOM   123 O  "O5'" . DC  B 1 3 ? 6.285   -4.787  4.506   1.00 16.58 ? 7  DC  B "O5'" 1 
ATOM   124 C  "C5'" . DC  B 1 3 ? 6.239   -3.340  4.513   1.00 16.29 ? 7  DC  B "C5'" 1 
ATOM   125 C  "C4'" . DC  B 1 3 ? 4.793   -2.952  4.621   1.00 15.69 ? 7  DC  B "C4'" 1 
ATOM   126 O  "O4'" . DC  B 1 3 ? 4.122   -3.096  3.346   1.00 14.70 ? 7  DC  B "O4'" 1 
ATOM   127 C  "C3'" . DC  B 1 3 ? 3.770   -3.832  5.470   1.00 15.97 ? 7  DC  B "C3'" 1 
ATOM   128 O  "O3'" . DC  B 1 3 ? 4.056   -3.618  6.800   1.00 17.82 ? 7  DC  B "O3'" 1 
ATOM   129 C  "C2'" . DC  B 1 3 ? 2.444   -3.256  4.996   1.00 14.51 ? 7  DC  B "C2'" 1 
ATOM   130 C  "C1'" . DC  B 1 3 ? 2.780   -2.531  3.656   1.00 12.15 ? 7  DC  B "C1'" 1 
ATOM   131 N  N1    . DC  B 1 3 ? 1.930   -2.932  2.500   1.00 10.07 ? 7  DC  B N1    1 
ATOM   132 C  C2    . DC  B 1 3 ? 1.038   -2.034  2.045   1.00 9.20  ? 7  DC  B C2    1 
ATOM   133 O  O2    . DC  B 1 3 ? 0.880   -0.917  2.518   1.00 9.37  ? 7  DC  B O2    1 
ATOM   134 N  N3    . DC  B 1 3 ? 0.274   -2.443  0.989   1.00 8.92  ? 7  DC  B N3    1 
ATOM   135 C  C4    . DC  B 1 3 ? 0.357   -3.655  0.365   1.00 8.91  ? 7  DC  B C4    1 
ATOM   136 N  N4    . DC  B 1 3 ? -0.463  -3.923  -0.694  1.00 9.36  ? 7  DC  B N4    1 
ATOM   137 C  C5    . DC  B 1 3 ? 1.308   -4.550  0.868   1.00 9.38  ? 7  DC  B C5    1 
ATOM   138 C  C6    . DC  B 1 3 ? 2.059   -4.162  1.903   1.00 9.42  ? 7  DC  B C6    1 
ATOM   139 P  P     . DG  B 1 4 ? 3.107   -3.537  8.075   1.00 18.77 ? 8  DG  B P     1 
ATOM   140 O  OP1   . DG  B 1 4 ? 3.854   -2.706  8.950   1.00 18.78 ? 8  DG  B OP1   1 
ATOM   141 O  OP2   . DG  B 1 4 ? 2.741   -4.948  8.328   1.00 18.84 ? 8  DG  B OP2   1 
ATOM   142 O  "O5'" . DG  B 1 4 ? 1.790   -2.607  7.842   1.00 17.62 ? 8  DG  B "O5'" 1 
ATOM   143 C  "C5'" . DG  B 1 4 ? 1.777   -1.284  8.090   1.00 16.25 ? 8  DG  B "C5'" 1 
ATOM   144 C  "C4'" . DG  B 1 4 ? 0.620   -0.770  8.921   1.00 14.98 ? 8  DG  B "C4'" 1 
ATOM   145 O  "O4'" . DG  B 1 4 ? -0.734  -1.040  8.523   1.00 13.85 ? 8  DG  B "O4'" 1 
ATOM   146 C  "C3'" . DG  B 1 4 ? 0.623   -1.367  10.403  1.00 14.63 ? 8  DG  B "C3'" 1 
ATOM   147 O  "O3'" . DG  B 1 4 ? 0.284   -0.226  11.134  1.00 14.64 ? 8  DG  B "O3'" 1 
ATOM   148 C  "C2'" . DG  B 1 4 ? -0.219  -2.616  10.151  1.00 13.50 ? 8  DG  B "C2'" 1 
ATOM   149 C  "C1'" . DG  B 1 4 ? -1.316  -2.115  9.180   1.00 12.12 ? 8  DG  B "C1'" 1 
ATOM   150 N  N9    . DG  B 1 4 ? -1.851  -3.012  8.248   1.00 10.98 ? 8  DG  B N9    1 
ATOM   151 C  C8    . DG  B 1 4 ? -1.482  -4.208  7.854   1.00 10.63 ? 8  DG  B C8    1 
ATOM   152 N  N7    . DG  B 1 4 ? -2.303  -4.790  6.955   1.00 10.57 ? 8  DG  B N7    1 
ATOM   153 C  C5    . DG  B 1 4 ? -3.281  -3.858  6.798   1.00 10.44 ? 8  DG  B C5    1 
ATOM   154 C  C6    . DG  B 1 4 ? -4.441  -3.844  5.985   1.00 10.33 ? 8  DG  B C6    1 
ATOM   155 O  O6    . DG  B 1 4 ? -4.797  -4.784  5.212   1.00 10.77 ? 8  DG  B O6    1 
ATOM   156 N  N1    . DG  B 1 4 ? -5.226  -2.774  6.034   1.00 10.19 ? 8  DG  B N1    1 
ATOM   157 C  C2    . DG  B 1 4 ? -4.885  -1.755  6.829   1.00 10.23 ? 8  DG  B C2    1 
ATOM   158 N  N2    . DG  B 1 4 ? -5.606  -0.744  6.896   1.00 10.14 ? 8  DG  B N2    1 
ATOM   159 N  N3    . DG  B 1 4 ? -3.821  -1.626  7.634   1.00 10.38 ? 8  DG  B N3    1 
ATOM   160 C  C4    . DG  B 1 4 ? -3.060  -2.745  7.562   1.00 10.59 ? 8  DG  B C4    1 
HETATM 161 C  C1    . FLD C 2 . ? -5.495  -2.842  0.750   1.00 5.23  ? 9  FLD B C1    1 
HETATM 162 N  N2    . FLD C 2 . ? -6.538  -2.663  -0.090  1.00 5.97  ? 9  FLD B N2    1 
HETATM 163 C  C3    . FLD C 2 . ? -7.262  -1.607  -0.105  1.00 5.25  ? 9  FLD B C3    1 
HETATM 164 C  C4    . FLD C 2 . ? -7.012  -0.599  0.791   1.00 4.74  ? 9  FLD B C4    1 
HETATM 165 C  C5    . FLD C 2 . ? -5.775  0.248   2.510   1.00 4.49  ? 9  FLD B C5    1 
HETATM 166 C  C6    . FLD C 2 . ? -4.726  0.143   3.384   1.00 4.42  ? 9  FLD B C6    1 
HETATM 167 N  N7    . FLD C 2 . ? -2.929  -1.173  4.131   1.00 4.98  ? 9  FLD B N7    1 
HETATM 168 C  C8    . FLD C 2 . ? -1.470  -2.994  4.296   1.00 4.42  ? 9  FLD B C8    1 
HETATM 169 C  C9    . FLD C 2 . ? -1.154  -4.221  3.801   1.00 4.31  ? 9  FLD B C9    1 
HETATM 170 C  C10   . FLD C 2 . ? -1.895  -4.767  2.807   1.00 4.39  ? 9  FLD B C10   1 
HETATM 171 O  O10   . FLD C 2 . ? -1.479  -5.984  2.388   1.00 5.58  ? 9  FLD B O10   1 
HETATM 172 C  C11   . FLD C 2 . ? -2.957  -4.065  2.285   1.00 4.60  ? 9  FLD B C11   1 
HETATM 173 C  C12   . FLD C 2 . ? -5.999  -0.765  1.644   1.00 4.35  ? 9  FLD B C12   1 
HETATM 174 C  C13   . FLD C 2 . ? -3.975  -0.885  3.370   1.00 4.54  ? 9  FLD B C13   1 
HETATM 175 C  C14   . FLD C 2 . ? -2.464  -2.363  3.804   1.00 4.51  ? 9  FLD B C14   1 
HETATM 176 C  C15   . FLD C 2 . ? -3.266  -2.887  2.740   1.00 4.62  ? 9  FLD B C15   1 
HETATM 177 C  C16   . FLD C 2 . ? -4.199  -1.970  2.472   1.00 4.51  ? 9  FLD B C16   1 
HETATM 178 C  C17   . FLD C 2 . ? -5.190  -1.864  1.657   1.00 4.70  ? 9  FLD B C17   1 
HETATM 179 C  C18   . FLD C 2 . ? -2.239  -6.563  1.367   1.00 5.58  ? 9  FLD B C18   1 
HETATM 180 C  C19   . FLD C 2 . ? -6.793  -3.759  -1.079  1.00 7.75  ? 9  FLD B C19   1 
HETATM 181 C  C20   . FLD C 2 . ? -5.399  -3.986  -1.879  1.00 10.25 ? 9  FLD B C20   1 
HETATM 182 N  N21   . FLD C 2 . ? -5.308  -2.832  -2.888  1.00 11.78 ? 9  FLD B N21   1 
HETATM 183 C  C22   . FLD C 2 . ? -3.954  -2.612  -3.447  1.00 13.37 ? 9  FLD B C22   1 
HETATM 184 C  C23   . FLD C 2 . ? -2.980  -3.828  -3.353  1.00 13.98 ? 9  FLD B C23   1 
HETATM 185 C  C24   . FLD C 2 . ? -2.334  -4.006  -4.778  1.00 13.82 ? 9  FLD B C24   1 
HETATM 186 C  C1X   . FLD C 2 . ? 3.649   -0.736  -5.483  1.00 6.24  ? 9  FLD B C1X   1 
HETATM 187 N  N2X   . FLD C 2 . ? 4.137   -1.884  -5.915  1.00 7.30  ? 9  FLD B N2X   1 
HETATM 188 C  C3X   . FLD C 2 . ? 5.155   -2.498  -5.348  1.00 6.32  ? 9  FLD B C3X   1 
HETATM 189 C  C4X   . FLD C 2 . ? 5.739   -1.933  -4.250  1.00 6.05  ? 9  FLD B C4X   1 
HETATM 190 C  C5X   . FLD C 2 . ? 5.831   -0.237  -2.697  1.00 5.88  ? 9  FLD B C5X   1 
HETATM 191 C  C6X   . FLD C 2 . ? 5.349   0.940   -2.186  1.00 5.95  ? 9  FLD B C6X   1 
HETATM 192 N  N7X   . FLD C 2 . ? 3.739   2.655   -2.390  1.00 6.04  ? 9  FLD B N7X   1 
HETATM 193 C  C8X   . FLD C 2 . ? 1.945   3.878   -3.277  1.00 5.98  ? 9  FLD B C8X   1 
HETATM 194 C  C9X   . FLD C 2 . ? 1.002   3.975   -4.246  1.00 5.91  ? 9  FLD B C9X   1 
HETATM 195 C  CAX   . FLD C 2 . ? 0.937   2.967   -5.194  1.00 6.07  ? 9  FLD B CAX   1 
HETATM 196 O  OAX   . FLD C 2 . ? -0.037  3.147   -6.115  1.00 6.95  ? 9  FLD B OAX   1 
HETATM 197 C  CBX   . FLD C 2 . ? 1.819   1.934   -5.150  1.00 5.79  ? 9  FLD B CBX   1 
HETATM 198 C  CCX   . FLD C 2 . ? 5.253   -0.765  -3.796  1.00 5.91  ? 9  FLD B CCX   1 
HETATM 199 C  CDX   . FLD C 2 . ? 4.354   1.533   -2.747  1.00 5.87  ? 9  FLD B CDX   1 
HETATM 200 C  CEX   . FLD C 2 . ? 2.767   2.888   -3.260  1.00 5.68  ? 9  FLD B CEX   1 
HETATM 201 C  CFX   . FLD C 2 . ? 2.742   1.858   -4.225  1.00 5.64  ? 9  FLD B CFX   1 
HETATM 202 C  CGX   . FLD C 2 . ? 3.714   0.998   -3.909  1.00 5.59  ? 9  FLD B CGX   1 
HETATM 203 C  CHX   . FLD C 2 . ? 4.178   -0.115  -4.379  1.00 5.91  ? 9  FLD B CHX   1 
HETATM 204 C  CIX   . FLD C 2 . ? -0.243  2.162   -7.019  1.00 6.85  ? 9  FLD B CIX   1 
HETATM 205 C  CJX   . FLD C 2 . ? 3.556   -2.551  -7.138  1.00 9.19  ? 9  FLD B CJX   1 
HETATM 206 C  CKX   . FLD C 2 . ? 2.041   -2.699  -7.181  1.00 11.29 ? 9  FLD B CKX   1 
HETATM 207 N  NLX   . FLD C 2 . ? 1.505   -3.332  -5.845  1.00 12.53 ? 9  FLD B NLX   1 
HETATM 208 C  CMX   . FLD C 2 . ? 1.092   -4.778  -6.157  1.00 13.05 ? 9  FLD B CMX   1 
HETATM 209 C  CNX   . FLD C 2 . ? -0.150  -5.194  -5.316  1.00 13.75 ? 9  FLD B CNX   1 
HETATM 210 C  COX   . FLD C 2 . ? -0.811  -4.017  -4.622  1.00 13.93 ? 9  FLD B COX   1 
HETATM 211 O  O     . HOH D 3 . ? 1.302   12.277  -2.207  1.00 50.87 ? 12 HOH A O     1 
HETATM 212 O  O     . HOH D 3 . ? -2.946  11.942  -0.631  1.00 34.34 ? 17 HOH A O     1 
HETATM 213 O  O     . HOH D 3 . ? -0.096  9.750   -4.828  1.00 47.37 ? 18 HOH A O     1 
HETATM 214 O  O     . HOH D 3 . ? -9.137  5.067   4.569   1.00 58.12 ? 20 HOH A O     1 
HETATM 215 O  O     . HOH D 3 . ? 1.696   7.423   -6.422  1.00 31.59 ? 24 HOH A O     1 
HETATM 216 O  O     . HOH D 3 . ? -11.759 6.322   1.901   1.00 49.74 ? 26 HOH A O     1 
HETATM 217 O  O     . HOH D 3 . ? -12.157 9.750   3.998   1.00 53.84 ? 27 HOH A O     1 
HETATM 218 O  O     . HOH D 3 . ? -12.193 7.284   8.945   1.00 53.90 ? 28 HOH A O     1 
HETATM 219 O  O     . HOH D 3 . ? -12.409 -4.373  -0.819  1.00 55.46 ? 32 HOH A O     1 
HETATM 220 O  O     . HOH D 3 . ? -10.064 3.019   7.158   1.00 49.20 ? 34 HOH A O     1 
HETATM 221 O  O     . HOH E 3 . ? 5.025   1.066   5.936   1.00 55.18 ? 10 HOH B O     1 
HETATM 222 O  O     . HOH E 3 . ? 6.806   -4.656  -5.505  1.00 24.44 ? 11 HOH B O     1 
HETATM 223 O  O     . HOH E 3 . ? -1.667  2.174   10.826  1.00 34.73 ? 13 HOH B O     1 
HETATM 224 O  O     . HOH E 3 . ? 5.061   -0.611  0.941   1.00 46.81 ? 14 HOH B O     1 
HETATM 225 O  O     . HOH E 3 . ? 3.290   -8.415  9.251   1.00 43.39 ? 15 HOH B O     1 
HETATM 226 O  O     . HOH E 3 . ? -0.305  3.686   7.730   1.00 32.92 ? 16 HOH B O     1 
HETATM 227 O  O     . HOH E 3 . ? -3.206  -10.367 0.360   1.00 44.24 ? 19 HOH B O     1 
HETATM 228 O  O     . HOH E 3 . ? 10.603  -6.241  1.713   1.00 56.98 ? 21 HOH B O     1 
HETATM 229 O  O     . HOH E 3 . ? 9.777   -2.298  4.058   1.00 42.84 ? 22 HOH B O     1 
HETATM 230 O  O     . HOH E 3 . ? -3.236  3.561   -7.045  1.00 44.59 ? 23 HOH B O     1 
HETATM 231 O  O     . HOH E 3 . ? 8.929   -8.524  4.046   1.00 46.75 ? 25 HOH B O     1 
HETATM 232 O  O     . HOH E 3 . ? -2.426  5.672   -10.203 1.00 59.85 ? 29 HOH B O     1 
HETATM 233 O  O     . HOH E 3 . ? 1.691   -8.280  3.604   1.00 64.45 ? 30 HOH B O     1 
HETATM 234 O  O     . HOH E 3 . ? 0.030   -6.478  -1.329  1.00 34.99 ? 31 HOH B O     1 
HETATM 235 O  O     . HOH E 3 . ? -0.212  -1.449  -6.803  1.00 36.62 ? 33 HOH B O     1 
HETATM 236 O  O     . HOH E 3 . ? 1.803   -7.860  0.562   1.00 49.99 ? 35 HOH B O     1 
HETATM 237 O  O     . HOH E 3 . ? 9.681   -8.323  -0.006  1.00 52.06 ? 36 HOH B O     1 
# 
